data_9I81
#
_entry.id   9I81
#
_cell.length_a   1.00
_cell.length_b   1.00
_cell.length_c   1.00
_cell.angle_alpha   90.00
_cell.angle_beta   90.00
_cell.angle_gamma   90.00
#
_symmetry.space_group_name_H-M   'P 1'
#
loop_
_entity.id
_entity.type
_entity.pdbx_description
1 polymer 'RNA-directed RNA polymerase nsp12'
2 polymer 'Non-structural protein 8'
3 polymer 'Non-structural protein 7'
4 non-polymer N-[8-(cyclohexyloxy)-1-oxo-2-phenyl-1H-pyrido[2,1-b][1,3]benzothiazole-4-carbonyl]-L-tyrosine
#
loop_
_entity_poly.entity_id
_entity_poly.type
_entity_poly.pdbx_seq_one_letter_code
_entity_poly.pdbx_strand_id
1 'polypeptide(L)'
;SADAQSFLNRVCGVSAARLTPCGTGTSTDVVYRAFDIYNDKVAGFAKFLKTNCCRFQEKDEDDNLIDSYFVVKRHTFSNY
QHEETIYNLLKDCPAVAKHDFFKFRIDGDMVPHISRQRLTKYTMADLVYALRHFDEGNCDTLKEILVTYNCCDDDYFNKK
DWYDFVENPDILRVYANLGERVRQALLKTVQFCDAMRNAGIVGVLTLDNQDLNGNWYDFGDFIQTTPGSGVPVVDSYYSL
LMPILTLTRALTAESHVDTDLTKPYIKWDLLKYDFTEERLKLFDRYFKYWDQTYHPNCVNCLDDRCILHCANFNVLFSTV
FPPTSFGPLVRKIFVDGVPFVVSTGYHFRELGVVHNQDVNLHSSRLSFKELLVYAADPAMHAASGNLLLDKRTTCFSVAA
LTNNVAFQTVKPGNFNKDFYDFAVSKGFFKEGSSVELKHFFFAQDGNAAISDYDYYRYNLPTMCDIRQLLFVVEVVDKYF
DCYDGGCINANQVIVNNLDKSAGFPFNKWGKARLYYDSMSYEDQDALFAYTKRNVIPTITQMNLKYAISAKNRARTVAGV
SICSTMTNRQFHQKLLKSIAATRGATVVIGTSKFYGGWHNMLKTVYSDVENPHLMGWDYPKCDRAMPNMLRIMASLVLAR
KHTTCCSLSHRFYRLANECAQVLSEMVMCGGSLYVKPGGTSSGDATTAYANSVFNICQAVTANVNALLSTDGNKIADKYV
RNLQHRLYECLYRNRDVDTDFVNEFYAYLRKHFSMMILSDDAVVCFNSTYASQGLVASIKNFKSVLYYQNNVFMSEAKCW
TETDLTKGPHEFCSQHTMLVKQGDDYVYLPYPDPSRILGAGCFVDDIVKTDGTLMIERFVSLAIDAYPLTKHPNQEYADV
FHLYLQYIRKLHDELTGHMLDMYSVMLTNDNTSRYWEPEFYEAMYTPHTVLQ
;
A
2 'polypeptide(L)'
;MGSSHHHHHHENLYFQSNAAIASEFSSLPSYAAFATAQEAYEQAVANGDSEVVLKKLKKSLNVAKSEFDRDAAMQRKLEK
MADQAMTQMYKQARSEDKRAKVTSAMQTMLFTMLRKLDNDALNNIINNARDGCVPLNIIPLTTAAKLMVVIPDYNTYKNT
CDGTTFTYASALWEIQQVVDADSKIVQLSEISMDNSPNLAWPLIVTALRANSAVKLQ
;
B,D
3 'polypeptide(L)'
;SNASKMSDVKCTSVVLLSVLQQLRVESSSKLWAQCVQLHNDILLAKDTTEAFEKMVSLLSVLLSMQGAVDINKLCEEMLD
NRAT
;
C
#
# COMPACT_ATOMS: atom_id res chain seq x y z
N VAL A 31 -15.18 14.90 34.08
CA VAL A 31 -14.66 13.92 33.08
C VAL A 31 -15.07 14.33 31.67
N TYR A 32 -14.34 13.81 30.69
CA TYR A 32 -14.60 14.08 29.28
C TYR A 32 -15.08 12.81 28.61
N ARG A 33 -16.23 12.88 27.95
CA ARG A 33 -16.80 11.76 27.22
C ARG A 33 -17.18 12.23 25.83
N ALA A 34 -16.94 11.38 24.83
CA ALA A 34 -17.25 11.74 23.46
C ALA A 34 -18.75 11.88 23.26
N PHE A 35 -19.15 12.81 22.42
CA PHE A 35 -20.56 13.03 22.09
C PHE A 35 -20.68 13.35 20.61
N ASP A 36 -21.85 13.02 20.05
CA ASP A 36 -22.23 13.38 18.69
C ASP A 36 -23.45 14.28 18.78
N ILE A 37 -23.25 15.58 18.56
CA ILE A 37 -24.26 16.59 18.84
C ILE A 37 -24.50 17.43 17.60
N TYR A 38 -25.77 17.76 17.36
CA TYR A 38 -26.16 18.65 16.28
C TYR A 38 -27.49 19.28 16.65
N ASN A 39 -27.48 20.56 16.97
CA ASN A 39 -28.69 21.30 17.28
C ASN A 39 -28.58 22.68 16.62
N ASP A 40 -29.44 23.60 17.03
CA ASP A 40 -29.57 24.88 16.34
C ASP A 40 -28.47 25.87 16.70
N LYS A 41 -27.52 25.51 17.56
CA LYS A 41 -26.43 26.42 17.90
C LYS A 41 -25.04 25.84 17.67
N VAL A 42 -24.84 24.54 17.87
CA VAL A 42 -23.52 23.93 17.73
C VAL A 42 -23.68 22.52 17.19
N ALA A 43 -22.67 22.07 16.46
CA ALA A 43 -22.66 20.72 15.89
C ALA A 43 -21.24 20.18 15.93
N GLY A 44 -21.13 18.87 15.89
CA GLY A 44 -19.83 18.23 15.81
C GLY A 44 -19.85 16.88 16.50
N PHE A 45 -18.66 16.28 16.57
CA PHE A 45 -18.42 14.99 17.24
C PHE A 45 -17.13 15.13 18.02
N ALA A 46 -17.23 15.54 19.28
CA ALA A 46 -16.06 15.86 20.09
C ALA A 46 -16.30 15.42 21.53
N LYS A 47 -15.34 15.72 22.39
CA LYS A 47 -15.43 15.44 23.81
C LYS A 47 -15.89 16.70 24.53
N PHE A 48 -16.95 16.59 25.32
CA PHE A 48 -17.44 17.70 26.11
C PHE A 48 -17.32 17.35 27.59
N LEU A 49 -17.73 18.30 28.43
CA LEU A 49 -17.62 18.18 29.88
C LEU A 49 -18.99 17.93 30.47
N LYS A 50 -19.14 16.81 31.16
CA LYS A 50 -20.39 16.49 31.86
C LYS A 50 -20.24 15.16 32.60
N TYR A 69 -23.05 2.31 35.86
CA TYR A 69 -24.08 1.50 36.49
C TYR A 69 -25.03 2.38 37.29
N PHE A 70 -26.34 2.15 37.10
CA PHE A 70 -27.36 2.90 37.81
C PHE A 70 -27.16 4.41 37.65
N VAL A 71 -26.90 4.83 36.41
CA VAL A 71 -26.72 6.24 36.14
C VAL A 71 -28.00 6.99 36.45
N VAL A 72 -27.85 8.22 36.96
CA VAL A 72 -28.97 9.08 37.31
C VAL A 72 -28.70 10.47 36.76
N LYS A 73 -29.77 11.23 36.58
CA LYS A 73 -29.68 12.61 36.11
C LYS A 73 -30.82 13.39 36.75
N ARG A 74 -31.05 14.60 36.26
CA ARG A 74 -32.11 15.46 36.79
C ARG A 74 -33.02 15.96 35.67
N THR A 76 -36.59 18.28 34.63
CA THR A 76 -37.72 19.13 34.31
C THR A 76 -39.01 18.30 34.30
N PHE A 77 -40.11 18.92 34.73
CA PHE A 77 -41.38 18.21 34.79
C PHE A 77 -41.83 17.76 33.40
N SER A 78 -41.82 18.69 32.44
CA SER A 78 -42.30 18.35 31.09
C SER A 78 -41.48 17.21 30.50
N ASN A 79 -40.15 17.32 30.56
CA ASN A 79 -39.31 16.26 30.02
C ASN A 79 -39.51 14.96 30.76
N TYR A 80 -39.63 15.04 32.10
CA TYR A 80 -39.82 13.82 32.88
C TYR A 80 -41.12 13.12 32.51
N GLN A 81 -42.18 13.88 32.30
CA GLN A 81 -43.44 13.29 31.82
C GLN A 81 -43.30 12.81 30.38
N HIS A 82 -42.66 13.61 29.52
CA HIS A 82 -42.51 13.23 28.12
C HIS A 82 -41.71 11.94 27.99
N GLU A 83 -40.58 11.87 28.66
CA GLU A 83 -39.71 10.69 28.52
C GLU A 83 -40.39 9.44 29.06
N GLU A 84 -41.08 9.55 30.19
CA GLU A 84 -41.67 8.37 30.80
C GLU A 84 -42.74 7.75 29.89
N THR A 85 -43.57 8.58 29.27
CA THR A 85 -44.59 8.05 28.36
C THR A 85 -43.95 7.34 27.17
N ILE A 86 -42.91 7.93 26.59
CA ILE A 86 -42.22 7.28 25.48
C ILE A 86 -41.59 5.98 25.94
N TYR A 87 -40.97 5.98 27.11
CA TYR A 87 -40.36 4.76 27.61
C TYR A 87 -41.38 3.65 27.78
N ASN A 88 -42.54 3.97 28.35
CA ASN A 88 -43.57 2.95 28.56
C ASN A 88 -44.01 2.36 27.24
N LEU A 89 -44.21 3.21 26.22
CA LEU A 89 -44.54 2.72 24.89
C LEU A 89 -43.39 1.96 24.25
N LEU A 90 -42.19 2.02 24.84
CA LEU A 90 -40.99 1.44 24.25
C LEU A 90 -40.18 0.73 25.33
N LYS A 91 -40.87 -0.05 26.17
CA LYS A 91 -40.24 -0.74 27.29
C LYS A 91 -40.06 -2.23 27.06
N ASP A 92 -41.08 -2.91 26.52
CA ASP A 92 -41.02 -4.35 26.37
C ASP A 92 -40.00 -4.81 25.33
N CYS A 93 -39.38 -3.88 24.61
CA CYS A 93 -38.33 -4.25 23.66
C CYS A 93 -37.06 -4.61 24.42
N PRO A 94 -36.48 -5.81 24.20
CA PRO A 94 -35.27 -6.18 24.95
C PRO A 94 -34.01 -5.47 24.51
N ALA A 95 -34.10 -4.47 23.63
CA ALA A 95 -32.92 -3.77 23.13
C ALA A 95 -32.67 -2.44 23.85
N VAL A 96 -33.37 -2.17 24.93
CA VAL A 96 -33.22 -0.93 25.68
C VAL A 96 -32.88 -1.25 27.12
N ALA A 97 -32.18 -0.31 27.76
CA ALA A 97 -31.80 -0.47 29.15
C ALA A 97 -32.99 -0.20 30.07
N LYS A 98 -33.00 -0.88 31.21
CA LYS A 98 -34.07 -0.69 32.18
C LYS A 98 -34.01 0.72 32.77
N HIS A 99 -35.17 1.35 32.90
CA HIS A 99 -35.28 2.70 33.43
C HIS A 99 -36.26 2.72 34.58
N ASP A 100 -36.06 3.67 35.49
CA ASP A 100 -36.96 3.90 36.61
C ASP A 100 -37.31 5.38 36.69
N PHE A 101 -38.45 5.67 37.30
CA PHE A 101 -38.98 7.03 37.39
C PHE A 101 -38.35 7.84 38.50
N PHE A 102 -37.48 7.24 39.31
CA PHE A 102 -36.84 7.97 40.40
C PHE A 102 -35.72 7.14 41.02
N PRO A 112 -38.49 13.13 40.07
CA PRO A 112 -37.94 14.24 39.28
C PRO A 112 -36.67 13.86 38.53
N HIS A 113 -36.07 12.73 38.91
CA HIS A 113 -34.88 12.21 38.26
C HIS A 113 -35.24 11.00 37.41
N ILE A 114 -34.45 10.76 36.37
CA ILE A 114 -34.65 9.64 35.48
C ILE A 114 -33.56 8.63 35.80
N SER A 115 -33.86 7.68 36.68
CA SER A 115 -32.91 6.65 37.02
C SER A 115 -32.71 5.72 35.83
N ARG A 116 -31.47 5.33 35.59
CA ARG A 116 -31.08 4.57 34.41
C ARG A 116 -30.21 3.41 34.88
N GLN A 117 -30.75 2.20 34.81
CA GLN A 117 -30.23 1.07 35.57
C GLN A 117 -29.31 0.20 34.73
N ARG A 118 -28.21 -0.25 35.34
CA ARG A 118 -27.32 -1.27 34.78
C ARG A 118 -26.76 -0.84 33.43
N LEU A 119 -25.97 0.22 33.47
CA LEU A 119 -25.22 0.70 32.32
C LEU A 119 -23.73 0.35 32.48
N THR A 120 -23.01 0.43 31.38
CA THR A 120 -21.57 0.23 31.41
C THR A 120 -20.86 1.54 31.77
N LYS A 121 -19.56 1.43 32.04
CA LYS A 121 -18.78 2.61 32.34
C LYS A 121 -18.62 3.51 31.12
N TYR A 122 -18.38 2.92 29.95
CA TYR A 122 -18.18 3.67 28.73
C TYR A 122 -19.25 3.30 27.70
N THR A 123 -19.51 4.22 26.79
CA THR A 123 -20.52 4.03 25.76
C THR A 123 -19.88 3.71 24.42
N MET A 124 -20.72 3.35 23.45
CA MET A 124 -20.22 3.08 22.11
C MET A 124 -19.56 4.29 21.51
N ALA A 125 -20.02 5.49 21.88
CA ALA A 125 -19.41 6.71 21.37
C ALA A 125 -17.95 6.81 21.81
N ASP A 126 -17.67 6.51 23.08
CA ASP A 126 -16.30 6.58 23.56
C ASP A 126 -15.39 5.63 22.79
N LEU A 127 -15.85 4.40 22.57
CA LEU A 127 -15.05 3.46 21.79
C LEU A 127 -14.85 3.96 20.38
N VAL A 128 -15.89 4.51 19.75
CA VAL A 128 -15.75 5.05 18.41
C VAL A 128 -14.81 6.24 18.41
N TYR A 129 -15.01 7.16 19.35
CA TYR A 129 -14.16 8.34 19.42
C TYR A 129 -12.72 7.96 19.74
N ALA A 130 -12.53 7.09 20.73
CA ALA A 130 -11.18 6.74 21.14
C ALA A 130 -10.38 6.13 20.00
N LEU A 131 -11.01 5.22 19.25
CA LEU A 131 -10.33 4.58 18.14
C LEU A 131 -10.22 5.48 16.92
N ARG A 132 -11.03 6.54 16.84
CA ARG A 132 -10.98 7.45 15.71
C ARG A 132 -10.10 8.67 15.94
N HIS A 133 -9.75 8.96 17.20
CA HIS A 133 -8.83 10.04 17.54
C HIS A 133 -7.70 9.51 18.40
N PHE A 134 -7.14 8.38 17.98
CA PHE A 134 -6.14 7.71 18.78
C PHE A 134 -4.90 8.59 18.95
N ASP A 135 -4.40 8.67 20.18
CA ASP A 135 -3.19 9.41 20.50
C ASP A 135 -2.45 8.62 21.57
N GLU A 136 -1.33 7.99 21.19
CA GLU A 136 -0.61 7.14 22.13
C GLU A 136 -0.16 7.95 23.34
N GLY A 137 -0.03 9.26 23.20
CA GLY A 137 0.27 10.09 24.35
C GLY A 137 -0.84 10.06 25.39
N ASN A 138 -2.10 10.17 24.94
CA ASN A 138 -3.26 10.16 25.82
C ASN A 138 -4.26 9.16 25.25
N CYS A 139 -4.08 7.89 25.58
CA CYS A 139 -4.95 6.82 25.09
C CYS A 139 -5.45 5.96 26.24
N ASP A 140 -5.63 6.55 27.41
CA ASP A 140 -6.06 5.78 28.57
C ASP A 140 -7.41 5.14 28.33
N THR A 141 -8.39 5.94 27.92
CA THR A 141 -9.76 5.42 27.77
C THR A 141 -9.79 4.19 26.89
N LEU A 142 -8.93 4.14 25.87
CA LEU A 142 -8.83 2.93 25.06
C LEU A 142 -8.31 1.76 25.88
N LYS A 143 -7.33 2.02 26.77
CA LYS A 143 -6.76 0.94 27.56
C LYS A 143 -7.80 0.33 28.49
N GLU A 144 -8.58 1.17 29.16
CA GLU A 144 -9.54 0.65 30.12
C GLU A 144 -10.57 -0.24 29.44
N ILE A 145 -11.03 0.17 28.26
CA ILE A 145 -12.04 -0.61 27.55
C ILE A 145 -11.49 -1.98 27.19
N LEU A 146 -10.24 -2.03 26.71
CA LEU A 146 -9.67 -3.30 26.28
C LEU A 146 -9.44 -4.24 27.46
N VAL A 147 -8.83 -3.74 28.53
CA VAL A 147 -8.57 -4.57 29.70
C VAL A 147 -9.89 -4.93 30.39
N THR A 148 -10.84 -3.99 30.42
CA THR A 148 -12.11 -4.24 31.09
C THR A 148 -12.81 -5.45 30.52
N TYR A 149 -12.86 -5.55 29.19
CA TYR A 149 -13.64 -6.59 28.52
C TYR A 149 -12.79 -7.80 28.12
N ASN A 150 -11.72 -8.07 28.87
CA ASN A 150 -10.93 -9.29 28.72
C ASN A 150 -10.32 -9.41 27.32
N CYS A 151 -10.13 -8.28 26.63
CA CYS A 151 -9.53 -8.32 25.31
C CYS A 151 -8.02 -8.55 25.37
N CYS A 152 -7.40 -8.25 26.51
CA CYS A 152 -5.96 -8.44 26.71
C CYS A 152 -5.68 -8.24 28.19
N ASP A 153 -4.40 -8.26 28.55
CA ASP A 153 -3.96 -8.09 29.92
C ASP A 153 -3.39 -6.70 30.13
N ASP A 154 -3.48 -6.21 31.36
CA ASP A 154 -3.04 -4.85 31.65
C ASP A 154 -1.54 -4.68 31.41
N ASP A 155 -0.75 -5.70 31.71
CA ASP A 155 0.68 -5.64 31.46
C ASP A 155 1.02 -5.69 29.98
N TYR A 156 0.03 -5.99 29.12
CA TYR A 156 0.27 -5.97 27.68
C TYR A 156 0.73 -4.60 27.20
N PHE A 157 0.44 -3.54 27.97
CA PHE A 157 0.84 -2.20 27.58
C PHE A 157 2.25 -1.85 28.02
N ASN A 158 2.94 -2.73 28.73
CA ASN A 158 4.35 -2.52 29.00
C ASN A 158 5.20 -2.68 27.75
N LYS A 159 4.71 -3.41 26.75
CA LYS A 159 5.46 -3.64 25.53
C LYS A 159 5.62 -2.34 24.76
N LYS A 160 6.71 -2.28 23.99
CA LYS A 160 6.93 -1.16 23.08
C LYS A 160 6.15 -1.36 21.79
N ASP A 161 5.49 -0.30 21.33
CA ASP A 161 4.73 -0.33 20.09
C ASP A 161 3.53 -1.26 20.19
N TRP A 162 2.91 -1.33 21.37
CA TRP A 162 1.72 -2.16 21.53
C TRP A 162 0.60 -1.65 20.65
N TYR A 163 0.45 -0.33 20.54
CA TYR A 163 -0.58 0.25 19.68
C TYR A 163 -0.24 0.09 18.21
N ASP A 164 1.03 0.01 17.86
CA ASP A 164 1.43 0.03 16.47
C ASP A 164 0.87 -1.17 15.72
N PHE A 165 0.48 -0.94 14.46
CA PHE A 165 -0.02 -2.00 13.60
C PHE A 165 1.11 -2.73 12.89
N VAL A 166 2.06 -1.99 12.32
CA VAL A 166 3.19 -2.62 11.64
C VAL A 166 4.08 -3.33 12.64
N GLU A 167 4.42 -2.65 13.73
CA GLU A 167 5.15 -3.27 14.82
C GLU A 167 4.13 -3.92 15.76
N ASN A 168 4.38 -5.16 16.13
CA ASN A 168 3.41 -5.87 16.94
C ASN A 168 2.07 -5.95 16.21
N PRO A 169 1.98 -6.74 15.14
CA PRO A 169 0.67 -6.93 14.48
C PRO A 169 -0.29 -7.77 15.29
N ASP A 170 0.10 -8.25 16.47
CA ASP A 170 -0.82 -8.94 17.36
C ASP A 170 -1.88 -8.03 17.94
N ILE A 171 -1.74 -6.71 17.80
CA ILE A 171 -2.77 -5.80 18.27
C ILE A 171 -4.08 -6.08 17.55
N LEU A 172 -4.01 -6.56 16.31
CA LEU A 172 -5.23 -6.87 15.57
C LEU A 172 -6.05 -7.92 16.30
N ARG A 173 -5.39 -8.94 16.87
CA ARG A 173 -6.11 -9.94 17.65
C ARG A 173 -6.77 -9.31 18.87
N VAL A 174 -6.08 -8.37 19.52
CA VAL A 174 -6.65 -7.72 20.70
C VAL A 174 -7.91 -6.95 20.34
N TYR A 175 -7.86 -6.19 19.25
CA TYR A 175 -9.04 -5.45 18.82
C TYR A 175 -10.17 -6.39 18.44
N ALA A 176 -9.84 -7.51 17.79
CA ALA A 176 -10.86 -8.45 17.36
C ALA A 176 -11.63 -9.05 18.54
N ASN A 177 -11.07 -8.99 19.75
CA ASN A 177 -11.81 -9.47 20.91
C ASN A 177 -13.05 -8.63 21.20
N LEU A 178 -13.10 -7.40 20.68
CA LEU A 178 -14.30 -6.58 20.77
C LEU A 178 -15.30 -6.86 19.66
N GLY A 179 -14.95 -7.70 18.69
CA GLY A 179 -15.80 -7.88 17.53
C GLY A 179 -17.18 -8.42 17.90
N GLU A 180 -17.22 -9.47 18.71
CA GLU A 180 -18.51 -10.04 19.10
C GLU A 180 -19.30 -9.05 19.93
N ARG A 181 -18.63 -8.31 20.80
CA ARG A 181 -19.31 -7.29 21.59
C ARG A 181 -19.93 -6.23 20.68
N VAL A 182 -19.20 -5.83 19.65
CA VAL A 182 -19.71 -4.81 18.73
C VAL A 182 -20.85 -5.37 17.89
N ARG A 183 -20.72 -6.61 17.42
CA ARG A 183 -21.78 -7.20 16.60
C ARG A 183 -23.07 -7.32 17.39
N GLN A 184 -22.98 -7.63 18.68
CA GLN A 184 -24.17 -7.67 19.52
C GLN A 184 -24.81 -6.28 19.61
N ALA A 185 -23.98 -5.23 19.60
CA ALA A 185 -24.52 -3.89 19.61
C ALA A 185 -25.31 -3.61 18.33
N LEU A 186 -24.81 -4.08 17.19
CA LEU A 186 -25.54 -3.87 15.94
C LEU A 186 -26.91 -4.53 15.98
N LEU A 187 -26.98 -5.77 16.45
CA LEU A 187 -28.25 -6.48 16.49
C LEU A 187 -29.25 -5.77 17.38
N LYS A 188 -28.80 -5.30 18.55
CA LYS A 188 -29.72 -4.62 19.46
C LYS A 188 -30.29 -3.36 18.80
N THR A 189 -29.49 -2.66 18.01
CA THR A 189 -29.98 -1.46 17.36
C THR A 189 -31.15 -1.77 16.43
N VAL A 190 -31.06 -2.85 15.65
CA VAL A 190 -32.16 -3.24 14.80
C VAL A 190 -33.39 -3.56 15.63
N GLN A 191 -33.20 -4.30 16.73
CA GLN A 191 -34.32 -4.56 17.63
C GLN A 191 -34.89 -3.27 18.18
N PHE A 192 -34.03 -2.35 18.63
CA PHE A 192 -34.50 -1.08 19.16
C PHE A 192 -35.27 -0.30 18.09
N CYS A 193 -34.70 -0.19 16.90
CA CYS A 193 -35.37 0.56 15.84
C CYS A 193 -36.68 -0.11 15.44
N ASP A 194 -36.72 -1.45 15.52
CA ASP A 194 -37.96 -2.17 15.23
C ASP A 194 -39.08 -1.75 16.17
N ALA A 195 -38.78 -1.68 17.47
CA ALA A 195 -39.80 -1.28 18.44
C ALA A 195 -40.25 0.15 18.20
N MET A 196 -39.31 1.06 17.94
CA MET A 196 -39.67 2.45 17.71
C MET A 196 -40.56 2.58 16.48
N ARG A 197 -40.24 1.83 15.42
CA ARG A 197 -41.08 1.86 14.22
C ARG A 197 -42.49 1.38 14.54
N ASN A 198 -42.61 0.27 15.25
CA ASN A 198 -43.93 -0.27 15.57
C ASN A 198 -44.72 0.69 16.46
N ALA A 199 -44.05 1.32 17.42
CA ALA A 199 -44.72 2.21 18.35
C ALA A 199 -44.91 3.60 17.78
N GLY A 200 -44.48 3.87 16.56
CA GLY A 200 -44.66 5.17 15.96
C GLY A 200 -43.86 6.24 16.68
N ILE A 201 -42.53 6.19 16.56
CA ILE A 201 -41.64 7.16 17.19
C ILE A 201 -40.60 7.59 16.18
N VAL A 202 -40.31 8.89 16.16
CA VAL A 202 -39.34 9.48 15.23
C VAL A 202 -38.26 10.17 16.05
N GLY A 203 -37.01 9.91 15.72
CA GLY A 203 -35.90 10.59 16.36
C GLY A 203 -34.58 10.04 15.89
N VAL A 204 -33.53 10.75 16.24
CA VAL A 204 -32.17 10.47 15.75
C VAL A 204 -31.47 9.56 16.74
N LEU A 205 -30.88 8.48 16.23
CA LEU A 205 -30.11 7.55 17.05
C LEU A 205 -28.67 8.03 17.10
N THR A 206 -28.15 8.21 18.30
CA THR A 206 -26.81 8.76 18.50
C THR A 206 -25.95 7.72 19.22
N LEU A 207 -24.67 7.67 18.83
CA LEU A 207 -23.77 6.68 19.40
C LEU A 207 -23.66 6.82 20.91
N ASP A 208 -23.69 8.05 21.43
CA ASP A 208 -23.54 8.26 22.86
C ASP A 208 -24.66 7.63 23.68
N ASN A 209 -25.80 7.33 23.08
CA ASN A 209 -26.94 6.80 23.81
C ASN A 209 -26.98 5.27 23.82
N GLN A 210 -25.94 4.61 23.31
CA GLN A 210 -25.83 3.16 23.34
C GLN A 210 -24.59 2.80 24.13
N ASP A 211 -24.76 1.94 25.14
CA ASP A 211 -23.63 1.49 25.94
C ASP A 211 -22.90 0.36 25.22
N LEU A 212 -21.76 -0.04 25.77
CA LEU A 212 -20.97 -1.11 25.16
C LEU A 212 -21.64 -2.47 25.25
N ASN A 213 -22.70 -2.60 26.04
CA ASN A 213 -23.50 -3.83 26.09
C ASN A 213 -24.67 -3.80 25.12
N GLY A 214 -24.83 -2.73 24.35
CA GLY A 214 -25.87 -2.64 23.36
C GLY A 214 -27.16 -2.01 23.84
N ASN A 215 -27.34 -1.87 25.15
CA ASN A 215 -28.59 -1.30 25.66
C ASN A 215 -28.65 0.20 25.36
N TRP A 216 -29.80 0.64 24.87
CA TRP A 216 -30.03 2.03 24.56
C TRP A 216 -30.70 2.73 25.75
N TYR A 217 -30.71 4.06 25.71
CA TYR A 217 -31.28 4.85 26.78
C TYR A 217 -31.47 6.28 26.28
N ASP A 218 -31.83 7.19 27.19
CA ASP A 218 -31.99 8.60 26.88
C ASP A 218 -33.05 8.82 25.79
N PHE A 219 -34.29 8.50 26.15
CA PHE A 219 -35.42 8.61 25.22
C PHE A 219 -36.10 9.98 25.37
N GLY A 220 -35.33 11.03 25.14
CA GLY A 220 -35.82 12.38 25.31
C GLY A 220 -35.98 13.14 24.00
N ASP A 221 -35.08 12.89 23.05
CA ASP A 221 -35.12 13.59 21.78
C ASP A 221 -36.31 13.16 20.92
N PHE A 222 -36.85 11.97 21.15
CA PHE A 222 -37.91 11.46 20.30
C PHE A 222 -39.23 12.19 20.57
N ILE A 223 -40.14 12.07 19.61
CA ILE A 223 -41.45 12.70 19.69
C ILE A 223 -42.51 11.70 19.25
N GLN A 224 -43.65 11.71 19.91
CA GLN A 224 -44.72 10.76 19.62
C GLN A 224 -45.30 11.01 18.24
N THR A 225 -45.81 9.93 17.63
CA THR A 225 -46.55 10.03 16.38
C THR A 225 -47.47 8.82 16.27
N THR A 226 -48.24 8.78 15.18
CA THR A 226 -49.22 7.72 15.02
C THR A 226 -48.53 6.36 15.01
N PRO A 227 -49.10 5.35 15.66
CA PRO A 227 -48.39 4.08 15.80
C PRO A 227 -48.21 3.37 14.47
N GLY A 228 -47.10 2.63 14.37
CA GLY A 228 -46.80 1.88 13.17
C GLY A 228 -46.19 2.70 12.05
N SER A 229 -45.99 4.00 12.24
CA SER A 229 -45.41 4.86 11.21
C SER A 229 -44.14 5.55 11.68
N GLY A 230 -43.48 5.02 12.70
CA GLY A 230 -42.22 5.61 13.13
C GLY A 230 -41.15 5.45 12.07
N VAL A 231 -40.25 6.41 12.01
CA VAL A 231 -39.11 6.36 11.09
C VAL A 231 -37.89 6.90 11.82
N PRO A 232 -36.97 6.05 12.26
CA PRO A 232 -35.75 6.55 12.91
C PRO A 232 -34.68 6.93 11.90
N VAL A 233 -33.91 7.95 12.26
CA VAL A 233 -32.82 8.47 11.45
C VAL A 233 -31.53 7.87 11.96
N VAL A 234 -30.83 7.13 11.10
CA VAL A 234 -29.62 6.43 11.46
C VAL A 234 -28.43 6.87 10.64
N ASP A 235 -28.54 8.00 9.93
CA ASP A 235 -27.45 8.45 9.08
C ASP A 235 -26.18 8.70 9.90
N SER A 236 -26.33 9.35 11.05
CA SER A 236 -25.16 9.66 11.87
C SER A 236 -24.67 8.43 12.63
N TYR A 237 -25.58 7.59 13.12
CA TYR A 237 -25.18 6.45 13.92
C TYR A 237 -24.31 5.49 13.12
N TYR A 238 -24.86 4.91 12.05
CA TYR A 238 -24.11 3.94 11.28
C TYR A 238 -22.86 4.56 10.69
N SER A 239 -22.98 5.79 10.18
CA SER A 239 -21.88 6.38 9.43
C SER A 239 -20.62 6.51 10.28
N LEU A 240 -20.77 6.99 11.51
CA LEU A 240 -19.60 7.16 12.37
C LEU A 240 -19.08 5.84 12.89
N LEU A 241 -19.92 4.80 12.92
CA LEU A 241 -19.52 3.52 13.49
C LEU A 241 -18.85 2.60 12.48
N MET A 242 -18.98 2.87 11.18
CA MET A 242 -18.46 1.92 10.19
C MET A 242 -16.98 1.62 10.33
N PRO A 243 -16.10 2.59 10.59
CA PRO A 243 -14.67 2.25 10.66
C PRO A 243 -14.34 1.18 11.68
N ILE A 244 -15.09 1.11 12.79
CA ILE A 244 -14.82 0.12 13.82
C ILE A 244 -15.37 -1.26 13.46
N LEU A 245 -16.30 -1.35 12.52
CA LEU A 245 -16.87 -2.65 12.17
C LEU A 245 -15.82 -3.60 11.61
N THR A 246 -14.91 -3.08 10.80
CA THR A 246 -13.84 -3.90 10.25
C THR A 246 -12.60 -3.94 11.12
N LEU A 247 -12.38 -2.92 11.95
CA LEU A 247 -11.23 -2.93 12.84
C LEU A 247 -11.37 -4.01 13.89
N THR A 248 -12.59 -4.26 14.35
CA THR A 248 -12.87 -5.29 15.34
C THR A 248 -13.38 -6.59 14.73
N ARG A 249 -13.47 -6.66 13.39
CA ARG A 249 -14.03 -7.83 12.72
C ARG A 249 -15.35 -8.24 13.37
N ALA A 250 -16.33 -7.34 13.30
CA ALA A 250 -17.60 -7.57 13.97
C ALA A 250 -18.32 -8.79 13.42
N LEU A 251 -18.24 -9.03 12.12
CA LEU A 251 -19.01 -10.08 11.46
C LEU A 251 -18.24 -11.40 11.39
N THR A 252 -17.35 -11.65 12.35
CA THR A 252 -16.66 -12.94 12.37
C THR A 252 -17.62 -14.08 12.65
N ALA A 253 -18.58 -13.87 13.55
CA ALA A 253 -19.50 -14.94 13.92
C ALA A 253 -20.30 -15.43 12.73
N GLU A 254 -20.45 -14.63 11.69
CA GLU A 254 -21.25 -15.03 10.54
C GLU A 254 -20.61 -16.16 9.75
N SER A 255 -19.37 -16.52 10.03
CA SER A 255 -18.70 -17.61 9.34
C SER A 255 -19.00 -18.97 9.95
N HIS A 256 -19.75 -19.03 11.03
CA HIS A 256 -20.05 -20.28 11.71
C HIS A 256 -21.46 -20.76 11.35
N VAL A 257 -21.78 -21.98 11.79
CA VAL A 257 -22.94 -22.67 11.24
C VAL A 257 -24.23 -21.88 11.52
N ASP A 258 -24.37 -21.36 12.73
CA ASP A 258 -25.59 -20.66 13.13
C ASP A 258 -25.23 -19.35 13.82
N THR A 259 -24.26 -18.63 13.27
CA THR A 259 -23.77 -17.39 13.86
C THR A 259 -23.40 -17.60 15.33
N ASP A 260 -22.77 -18.73 15.61
CA ASP A 260 -22.31 -19.09 16.95
C ASP A 260 -20.81 -19.28 16.92
N LEU A 261 -20.12 -18.64 17.86
CA LEU A 261 -18.66 -18.70 17.91
C LEU A 261 -18.13 -19.93 18.61
N THR A 262 -18.97 -20.96 18.80
CA THR A 262 -18.54 -22.20 19.44
C THR A 262 -18.81 -23.41 18.56
N LYS A 263 -19.01 -23.21 17.26
CA LYS A 263 -19.39 -24.24 16.32
C LYS A 263 -18.53 -24.16 15.07
N PRO A 264 -18.47 -25.23 14.29
CA PRO A 264 -17.54 -25.24 13.15
C PRO A 264 -17.89 -24.20 12.10
N TYR A 265 -16.92 -23.89 11.26
CA TYR A 265 -17.15 -22.96 10.17
C TYR A 265 -18.10 -23.58 9.15
N ILE A 266 -18.89 -22.71 8.50
CA ILE A 266 -19.80 -23.17 7.46
C ILE A 266 -19.01 -23.85 6.36
N LYS A 267 -19.48 -25.02 5.94
CA LYS A 267 -18.86 -25.74 4.82
C LYS A 267 -19.48 -25.22 3.53
N TRP A 268 -19.09 -24.01 3.17
CA TRP A 268 -19.61 -23.38 1.97
C TRP A 268 -19.30 -24.24 0.75
N ASP A 269 -20.28 -24.37 -0.14
CA ASP A 269 -20.04 -25.04 -1.41
C ASP A 269 -18.92 -24.34 -2.15
N LEU A 270 -17.90 -25.12 -2.54
CA LEU A 270 -16.75 -24.54 -3.23
C LEU A 270 -17.15 -23.90 -4.55
N LEU A 271 -18.25 -24.31 -5.15
CA LEU A 271 -18.65 -23.80 -6.46
C LEU A 271 -19.47 -22.53 -6.38
N LYS A 272 -19.83 -22.07 -5.19
CA LYS A 272 -20.65 -20.88 -5.05
C LYS A 272 -19.81 -19.64 -5.29
N TYR A 273 -20.39 -18.66 -5.99
CA TYR A 273 -19.70 -17.39 -6.19
C TYR A 273 -20.61 -16.20 -5.95
N ASP A 274 -21.91 -16.35 -6.16
CA ASP A 274 -22.80 -15.19 -6.20
C ASP A 274 -22.92 -14.54 -4.83
N PHE A 275 -23.46 -15.25 -3.85
CA PHE A 275 -23.69 -14.74 -2.51
C PHE A 275 -24.56 -13.49 -2.49
N THR A 276 -25.26 -13.18 -3.58
CA THR A 276 -26.08 -11.97 -3.61
C THR A 276 -27.20 -12.05 -2.58
N GLU A 277 -27.85 -13.21 -2.46
CA GLU A 277 -28.89 -13.37 -1.45
C GLU A 277 -28.30 -13.33 -0.06
N GLU A 278 -27.13 -13.93 0.13
CA GLU A 278 -26.44 -13.84 1.41
C GLU A 278 -26.11 -12.40 1.74
N ARG A 279 -25.62 -11.63 0.76
CA ARG A 279 -25.30 -10.24 0.98
C ARG A 279 -26.55 -9.45 1.39
N LEU A 280 -27.66 -9.66 0.68
CA LEU A 280 -28.89 -8.95 1.03
C LEU A 280 -29.36 -9.34 2.42
N LYS A 281 -29.26 -10.62 2.77
CA LYS A 281 -29.65 -11.04 4.12
C LYS A 281 -28.75 -10.41 5.17
N LEU A 282 -27.44 -10.33 4.90
CA LEU A 282 -26.55 -9.65 5.82
C LEU A 282 -26.93 -8.19 5.97
N PHE A 283 -27.20 -7.51 4.85
CA PHE A 283 -27.61 -6.12 4.91
C PHE A 283 -28.93 -5.98 5.66
N ASP A 284 -29.86 -6.90 5.44
CA ASP A 284 -31.18 -6.78 6.06
C ASP A 284 -31.13 -7.09 7.55
N ARG A 285 -30.15 -7.86 8.01
CA ARG A 285 -30.08 -8.21 9.42
C ARG A 285 -29.45 -7.11 10.25
N TYR A 286 -28.51 -6.36 9.67
CA TYR A 286 -27.74 -5.37 10.42
C TYR A 286 -28.10 -3.94 10.05
N PHE A 287 -28.33 -3.65 8.77
CA PHE A 287 -28.60 -2.29 8.32
C PHE A 287 -30.03 -2.17 7.81
N LYS A 288 -30.98 -2.76 8.55
CA LYS A 288 -32.35 -2.86 8.04
C LYS A 288 -32.93 -1.50 7.70
N TYR A 289 -32.81 -0.53 8.60
CA TYR A 289 -33.37 0.80 8.40
C TYR A 289 -32.37 1.81 7.87
N TRP A 290 -31.19 1.37 7.45
CA TRP A 290 -30.33 2.22 6.65
C TRP A 290 -31.12 2.64 5.41
N ASP A 291 -31.50 3.91 5.34
CA ASP A 291 -32.52 4.37 4.40
C ASP A 291 -31.89 4.84 3.08
N GLN A 292 -31.26 3.90 2.39
CA GLN A 292 -30.79 4.13 1.04
C GLN A 292 -30.64 2.78 0.36
N THR A 293 -31.18 2.66 -0.84
CA THR A 293 -31.16 1.38 -1.52
C THR A 293 -29.73 0.88 -1.67
N TYR A 294 -29.50 -0.37 -1.29
CA TYR A 294 -28.20 -1.00 -1.38
C TYR A 294 -28.23 -2.00 -2.54
N HIS A 295 -27.32 -1.83 -3.48
CA HIS A 295 -27.24 -2.72 -4.62
C HIS A 295 -26.13 -3.73 -4.37
N PRO A 296 -26.44 -5.00 -4.10
CA PRO A 296 -25.34 -5.95 -3.82
C PRO A 296 -24.32 -6.00 -4.94
N ASN A 297 -24.77 -5.91 -6.18
CA ASN A 297 -23.90 -5.78 -7.33
C ASN A 297 -23.93 -4.33 -7.77
N CYS A 298 -22.78 -3.65 -7.67
CA CYS A 298 -22.74 -2.23 -7.96
C CYS A 298 -23.00 -1.91 -9.42
N VAL A 299 -23.31 -2.91 -10.26
CA VAL A 299 -23.66 -2.63 -11.64
C VAL A 299 -24.93 -1.80 -11.71
N ASN A 300 -25.80 -1.94 -10.72
CA ASN A 300 -27.12 -1.33 -10.75
C ASN A 300 -27.15 0.11 -10.24
N CYS A 301 -26.07 0.60 -9.64
CA CYS A 301 -26.06 1.96 -9.14
C CYS A 301 -26.30 2.98 -10.24
N LEU A 302 -26.81 4.14 -9.82
CA LEU A 302 -27.18 5.21 -10.73
C LEU A 302 -26.08 6.25 -10.93
N ASP A 303 -25.12 6.34 -10.02
CA ASP A 303 -24.03 7.29 -10.17
C ASP A 303 -22.88 6.85 -9.27
N ASP A 304 -21.71 7.45 -9.51
CA ASP A 304 -20.54 7.07 -8.73
C ASP A 304 -20.75 7.28 -7.25
N ARG A 305 -21.60 8.24 -6.87
CA ARG A 305 -21.91 8.41 -5.46
C ARG A 305 -22.63 7.19 -4.89
N CYS A 306 -23.41 6.49 -5.72
CA CYS A 306 -23.97 5.21 -5.28
C CYS A 306 -22.89 4.14 -5.23
N ILE A 307 -22.02 4.09 -6.24
CA ILE A 307 -21.01 3.05 -6.28
C ILE A 307 -20.18 3.06 -5.00
N LEU A 308 -19.72 4.25 -4.58
CA LEU A 308 -19.01 4.34 -3.32
C LEU A 308 -19.89 3.92 -2.17
N HIS A 309 -21.17 4.29 -2.24
CA HIS A 309 -22.10 3.94 -1.18
C HIS A 309 -22.23 2.43 -1.03
N CYS A 310 -22.40 1.71 -2.14
CA CYS A 310 -22.66 0.28 -2.07
C CYS A 310 -21.38 -0.53 -2.01
N ALA A 311 -20.29 -0.03 -2.58
CA ALA A 311 -19.01 -0.72 -2.45
C ALA A 311 -18.54 -0.75 -1.01
N ASN A 312 -18.85 0.30 -0.25
CA ASN A 312 -18.46 0.32 1.15
C ASN A 312 -19.10 -0.82 1.92
N PHE A 313 -20.37 -1.11 1.66
CA PHE A 313 -21.03 -2.21 2.34
C PHE A 313 -20.44 -3.54 1.92
N ASN A 314 -20.16 -3.71 0.63
CA ASN A 314 -19.62 -4.97 0.15
C ASN A 314 -18.26 -5.27 0.77
N VAL A 315 -17.51 -4.25 1.16
CA VAL A 315 -16.24 -4.47 1.83
C VAL A 315 -16.46 -5.22 3.14
N LEU A 316 -17.48 -4.81 3.90
CA LEU A 316 -17.75 -5.46 5.17
C LEU A 316 -18.28 -6.87 4.98
N PHE A 317 -19.18 -7.06 4.01
CA PHE A 317 -19.83 -8.35 3.83
C PHE A 317 -18.92 -9.39 3.19
N SER A 318 -17.88 -8.96 2.49
CA SER A 318 -16.99 -9.90 1.84
C SER A 318 -16.03 -10.58 2.81
N THR A 319 -15.96 -10.12 4.06
CA THR A 319 -15.10 -10.75 5.04
C THR A 319 -15.69 -12.03 5.61
N VAL A 320 -16.96 -12.32 5.32
CA VAL A 320 -17.60 -13.53 5.83
C VAL A 320 -17.56 -14.69 4.85
N PHE A 321 -17.45 -14.41 3.57
CA PHE A 321 -17.51 -15.44 2.53
C PHE A 321 -16.13 -16.04 2.31
N PRO A 322 -16.07 -17.28 1.84
CA PRO A 322 -14.77 -17.94 1.67
C PRO A 322 -13.88 -17.16 0.74
N PRO A 323 -12.58 -17.05 1.04
CA PRO A 323 -11.68 -16.33 0.14
C PRO A 323 -11.55 -16.95 -1.22
N THR A 324 -11.95 -18.20 -1.39
CA THR A 324 -11.85 -18.86 -2.69
C THR A 324 -12.99 -18.50 -3.62
N SER A 325 -14.02 -17.82 -3.15
CA SER A 325 -15.16 -17.45 -3.98
C SER A 325 -14.96 -16.15 -4.73
N PHE A 326 -13.87 -15.43 -4.49
CA PHE A 326 -13.63 -14.15 -5.12
C PHE A 326 -12.68 -14.34 -6.30
N GLY A 327 -12.44 -13.24 -7.01
CA GLY A 327 -11.57 -13.26 -8.15
C GLY A 327 -12.32 -13.62 -9.42
N PRO A 328 -11.59 -13.85 -10.51
CA PRO A 328 -12.26 -14.11 -11.79
C PRO A 328 -13.17 -15.33 -11.72
N LEU A 329 -14.31 -15.24 -12.38
CA LEU A 329 -15.22 -16.35 -12.56
C LEU A 329 -15.02 -16.92 -13.94
N VAL A 330 -14.76 -18.22 -14.03
CA VAL A 330 -14.40 -18.84 -15.29
C VAL A 330 -15.58 -19.64 -15.82
N ARG A 331 -15.53 -19.93 -17.11
CA ARG A 331 -16.54 -20.69 -17.80
C ARG A 331 -15.87 -21.44 -18.93
N LYS A 332 -16.49 -22.52 -19.38
CA LYS A 332 -15.93 -23.35 -20.44
C LYS A 332 -16.51 -22.89 -21.78
N ILE A 333 -15.67 -22.29 -22.61
CA ILE A 333 -16.05 -21.89 -23.96
C ILE A 333 -15.30 -22.77 -24.94
N PHE A 334 -15.80 -22.80 -26.17
CA PHE A 334 -15.24 -23.65 -27.22
C PHE A 334 -14.72 -22.78 -28.35
N VAL A 335 -13.48 -23.04 -28.76
CA VAL A 335 -12.87 -22.39 -29.92
C VAL A 335 -12.68 -23.46 -30.98
N ASP A 336 -13.29 -23.23 -32.14
CA ASP A 336 -13.26 -24.20 -33.24
C ASP A 336 -13.42 -25.63 -32.72
N GLY A 337 -14.23 -25.80 -31.67
CA GLY A 337 -14.48 -27.09 -31.09
C GLY A 337 -13.59 -27.44 -29.91
N VAL A 338 -12.45 -26.79 -29.75
CA VAL A 338 -11.56 -27.09 -28.62
C VAL A 338 -12.00 -26.28 -27.41
N PRO A 339 -12.06 -26.87 -26.22
CA PRO A 339 -12.58 -26.13 -25.05
C PRO A 339 -11.50 -25.35 -24.33
N PHE A 340 -11.71 -24.05 -24.19
CA PHE A 340 -10.90 -23.22 -23.30
C PHE A 340 -11.58 -23.06 -21.95
N VAL A 341 -10.90 -22.39 -21.04
CA VAL A 341 -11.48 -21.88 -19.80
C VAL A 341 -11.12 -20.41 -19.73
N VAL A 342 -12.13 -19.54 -19.65
CA VAL A 342 -11.93 -18.11 -19.75
C VAL A 342 -12.79 -17.40 -18.71
N SER A 343 -12.40 -16.16 -18.42
CA SER A 343 -13.15 -15.34 -17.47
C SER A 343 -14.36 -14.75 -18.16
N THR A 344 -15.56 -15.09 -17.66
CA THR A 344 -16.80 -14.51 -18.14
C THR A 344 -17.50 -13.77 -17.02
N GLY A 345 -16.72 -13.14 -16.15
CA GLY A 345 -17.27 -12.42 -15.03
C GLY A 345 -16.17 -12.13 -14.03
N TYR A 346 -16.60 -11.64 -12.87
CA TYR A 346 -15.67 -11.34 -11.80
C TYR A 346 -16.48 -11.11 -10.53
N HIS A 347 -15.95 -11.60 -9.41
CA HIS A 347 -16.59 -11.44 -8.11
C HIS A 347 -15.68 -10.55 -7.28
N PHE A 348 -15.98 -9.26 -7.25
CA PHE A 348 -15.22 -8.33 -6.43
C PHE A 348 -15.68 -8.37 -4.99
N ARG A 349 -14.74 -8.11 -4.08
CA ARG A 349 -15.12 -7.91 -2.68
C ARG A 349 -15.84 -6.59 -2.49
N GLU A 350 -15.71 -5.66 -3.43
CA GLU A 350 -16.32 -4.34 -3.35
C GLU A 350 -17.47 -4.15 -4.31
N LEU A 351 -17.29 -4.48 -5.58
CA LEU A 351 -18.29 -4.22 -6.61
C LEU A 351 -19.23 -5.39 -6.85
N GLY A 352 -19.15 -6.45 -6.03
CA GLY A 352 -20.05 -7.57 -6.21
C GLY A 352 -19.70 -8.40 -7.44
N VAL A 353 -20.74 -8.95 -8.06
CA VAL A 353 -20.58 -9.84 -9.21
C VAL A 353 -20.82 -9.05 -10.47
N VAL A 354 -19.89 -9.15 -11.41
CA VAL A 354 -19.99 -8.46 -12.70
C VAL A 354 -19.86 -9.50 -13.79
N HIS A 355 -20.81 -9.53 -14.71
CA HIS A 355 -20.84 -10.48 -15.81
C HIS A 355 -20.53 -9.79 -17.11
N ASN A 356 -19.56 -10.32 -17.85
CA ASN A 356 -19.23 -9.77 -19.16
C ASN A 356 -20.42 -9.91 -20.11
N GLN A 357 -20.60 -8.91 -20.95
CA GLN A 357 -21.73 -8.90 -21.87
C GLN A 357 -21.39 -9.50 -23.23
N ASP A 358 -20.13 -9.45 -23.65
CA ASP A 358 -19.70 -10.03 -24.92
C ASP A 358 -19.04 -11.38 -24.66
N VAL A 359 -19.88 -12.41 -24.54
CA VAL A 359 -19.43 -13.78 -24.34
C VAL A 359 -19.77 -14.56 -25.61
N ASN A 360 -18.76 -15.15 -26.24
CA ASN A 360 -18.92 -15.85 -27.51
C ASN A 360 -18.33 -17.25 -27.40
N LEU A 361 -18.95 -18.19 -28.11
CA LEU A 361 -18.59 -19.59 -28.03
C LEU A 361 -18.40 -20.15 -29.44
N HIS A 362 -17.61 -21.23 -29.53
CA HIS A 362 -17.38 -21.94 -30.78
C HIS A 362 -16.79 -21.03 -31.85
N SER A 363 -16.01 -20.03 -31.44
CA SER A 363 -15.43 -19.10 -32.40
C SER A 363 -14.55 -19.85 -33.39
N SER A 364 -14.73 -19.55 -34.68
CA SER A 364 -13.94 -20.22 -35.71
C SER A 364 -12.46 -19.92 -35.56
N ARG A 365 -12.13 -18.66 -35.29
CA ARG A 365 -10.74 -18.24 -35.16
C ARG A 365 -10.68 -17.07 -34.20
N LEU A 366 -9.48 -16.84 -33.68
CA LEU A 366 -9.25 -15.80 -32.67
C LEU A 366 -8.42 -14.68 -33.28
N SER A 367 -8.99 -13.47 -33.27
CA SER A 367 -8.30 -12.31 -33.79
C SER A 367 -7.25 -11.84 -32.79
N PHE A 368 -6.44 -10.86 -33.21
CA PHE A 368 -5.38 -10.36 -32.34
C PHE A 368 -5.96 -9.79 -31.04
N LYS A 369 -7.06 -9.04 -31.16
CA LYS A 369 -7.71 -8.52 -29.96
C LYS A 369 -8.20 -9.64 -29.07
N GLU A 370 -8.82 -10.66 -29.66
CA GLU A 370 -9.34 -11.76 -28.86
C GLU A 370 -8.21 -12.50 -28.15
N LEU A 371 -7.09 -12.71 -28.84
CA LEU A 371 -5.98 -13.43 -28.25
C LEU A 371 -5.41 -12.69 -27.05
N LEU A 372 -5.29 -11.36 -27.16
CA LEU A 372 -4.73 -10.58 -26.06
C LEU A 372 -5.54 -10.78 -24.79
N VAL A 373 -6.87 -10.78 -24.91
CA VAL A 373 -7.72 -10.95 -23.73
C VAL A 373 -7.50 -12.33 -23.12
N TYR A 374 -7.41 -13.36 -23.96
CA TYR A 374 -7.26 -14.72 -23.43
C TYR A 374 -5.88 -14.94 -22.83
N ALA A 375 -4.83 -14.42 -23.46
CA ALA A 375 -3.49 -14.58 -22.91
C ALA A 375 -3.38 -13.90 -21.55
N ALA A 376 -3.93 -12.69 -21.42
CA ALA A 376 -3.84 -11.97 -20.15
C ALA A 376 -4.67 -12.62 -19.07
N ASP A 377 -5.77 -13.27 -19.44
CA ASP A 377 -6.64 -13.88 -18.46
C ASP A 377 -5.88 -14.93 -17.65
N PRO A 378 -5.85 -14.84 -16.32
CA PRO A 378 -5.17 -15.86 -15.53
C PRO A 378 -5.86 -17.21 -15.53
N ALA A 379 -7.05 -17.31 -16.11
CA ALA A 379 -7.79 -18.57 -16.04
C ALA A 379 -6.99 -19.72 -16.60
N MET A 380 -6.38 -19.53 -17.77
CA MET A 380 -5.61 -20.61 -18.38
C MET A 380 -4.34 -20.88 -17.57
N HIS A 381 -3.71 -19.83 -17.05
CA HIS A 381 -2.47 -20.02 -16.30
C HIS A 381 -2.73 -20.73 -14.98
N ALA A 382 -3.79 -20.35 -14.26
CA ALA A 382 -4.07 -20.98 -12.98
C ALA A 382 -4.63 -22.38 -13.15
N ALA A 383 -5.30 -22.66 -14.27
CA ALA A 383 -5.90 -23.97 -14.48
C ALA A 383 -4.85 -25.02 -14.85
N SER A 384 -3.76 -24.60 -15.49
CA SER A 384 -2.74 -25.54 -15.95
C SER A 384 -1.62 -25.74 -14.94
N GLY A 385 -1.61 -25.00 -13.83
CA GLY A 385 -0.55 -25.10 -12.85
C GLY A 385 -0.87 -26.07 -11.74
N ASN A 386 0.09 -26.23 -10.84
CA ASN A 386 -0.04 -27.10 -9.68
C ASN A 386 -0.59 -26.33 -8.50
N LEU A 387 -1.37 -27.02 -7.66
CA LEU A 387 -1.79 -26.42 -6.40
C LEU A 387 -0.56 -26.10 -5.57
N LEU A 388 -0.54 -24.91 -4.99
CA LEU A 388 0.59 -24.45 -4.21
C LEU A 388 0.16 -24.19 -2.77
N LEU A 389 1.02 -24.58 -1.84
CA LEU A 389 0.81 -24.35 -0.41
C LEU A 389 2.10 -23.72 0.12
N ASP A 390 2.18 -22.40 0.01
CA ASP A 390 3.36 -21.66 0.43
C ASP A 390 3.21 -21.27 1.89
N LYS A 391 4.15 -21.72 2.72
CA LYS A 391 4.08 -21.49 4.16
C LYS A 391 4.89 -20.28 4.60
N ARG A 392 5.62 -19.63 3.69
CA ARG A 392 6.38 -18.44 4.07
C ARG A 392 5.48 -17.24 4.27
N THR A 393 4.33 -17.20 3.61
CA THR A 393 3.46 -16.04 3.60
C THR A 393 2.07 -16.43 4.05
N THR A 394 1.32 -15.44 4.52
CA THR A 394 -0.08 -15.61 4.83
C THR A 394 -1.00 -15.16 3.70
N CYS A 395 -0.43 -14.78 2.56
CA CYS A 395 -1.23 -14.34 1.43
C CYS A 395 -1.77 -15.55 0.68
N PHE A 396 -3.05 -15.50 0.33
CA PHE A 396 -3.66 -16.60 -0.40
C PHE A 396 -2.90 -16.85 -1.69
N SER A 397 -2.57 -18.12 -1.93
CA SER A 397 -1.84 -18.53 -3.13
C SER A 397 -2.78 -19.29 -4.04
N VAL A 398 -2.80 -18.91 -5.31
CA VAL A 398 -3.69 -19.57 -6.27
C VAL A 398 -3.06 -20.87 -6.77
N ALA A 399 -1.81 -20.81 -7.20
CA ALA A 399 -1.16 -21.98 -7.77
C ALA A 399 0.29 -21.63 -8.06
N ALA A 400 1.06 -22.64 -8.42
CA ALA A 400 2.43 -22.47 -8.90
C ALA A 400 2.49 -22.86 -10.37
N LEU A 401 3.13 -22.02 -11.17
CA LEU A 401 3.20 -22.24 -12.60
C LEU A 401 4.44 -22.99 -13.04
N THR A 402 5.30 -23.39 -12.10
CA THR A 402 6.54 -24.08 -12.44
C THR A 402 6.74 -25.23 -11.46
N ASN A 403 7.57 -26.19 -11.89
CA ASN A 403 7.83 -27.36 -11.07
C ASN A 403 8.81 -27.10 -9.94
N ASN A 404 9.39 -25.89 -9.88
CA ASN A 404 10.31 -25.53 -8.81
C ASN A 404 10.19 -24.05 -8.50
N VAL A 405 10.27 -23.71 -7.22
CA VAL A 405 10.20 -22.32 -6.78
C VAL A 405 11.55 -21.66 -7.05
N ALA A 406 11.50 -20.43 -7.56
CA ALA A 406 12.70 -19.70 -7.94
C ALA A 406 13.05 -18.67 -6.87
N PHE A 407 14.32 -18.63 -6.48
CA PHE A 407 14.84 -17.67 -5.52
C PHE A 407 15.77 -16.70 -6.23
N GLN A 408 15.57 -15.41 -5.97
CA GLN A 408 16.36 -14.36 -6.61
C GLN A 408 16.98 -13.47 -5.53
N THR A 409 18.20 -13.02 -5.80
CA THR A 409 18.99 -12.24 -4.85
C THR A 409 19.38 -10.90 -5.46
N VAL A 410 19.74 -9.97 -4.59
CA VAL A 410 20.16 -8.62 -4.97
C VAL A 410 21.67 -8.54 -4.76
N LYS A 411 22.40 -8.23 -5.83
CA LYS A 411 23.85 -8.16 -5.76
C LYS A 411 24.28 -7.02 -4.87
N PRO A 412 25.57 -6.90 -4.60
CA PRO A 412 26.10 -5.72 -3.91
C PRO A 412 26.31 -4.56 -4.87
N GLY A 413 26.62 -3.41 -4.30
CA GLY A 413 26.96 -2.25 -5.11
C GLY A 413 28.31 -2.41 -5.79
N ASN A 414 28.47 -1.68 -6.89
CA ASN A 414 29.71 -1.69 -7.67
C ASN A 414 30.54 -0.48 -7.25
N PHE A 415 31.32 -0.65 -6.18
CA PHE A 415 32.11 0.45 -5.65
C PHE A 415 33.05 1.01 -6.71
N ASN A 416 33.04 2.33 -6.86
CA ASN A 416 33.88 3.03 -7.83
C ASN A 416 35.08 3.59 -7.07
N LYS A 417 36.19 2.85 -7.11
CA LYS A 417 37.39 3.27 -6.40
C LYS A 417 37.94 4.58 -6.96
N ASP A 418 37.89 4.74 -8.28
CA ASP A 418 38.51 5.91 -8.91
C ASP A 418 38.04 7.20 -8.26
N PHE A 419 36.72 7.39 -8.17
CA PHE A 419 36.21 8.61 -7.57
C PHE A 419 36.58 8.71 -6.10
N TYR A 420 36.50 7.58 -5.38
CA TYR A 420 36.75 7.61 -3.94
C TYR A 420 38.19 8.05 -3.65
N ASP A 421 39.15 7.54 -4.41
CA ASP A 421 40.54 7.94 -4.19
C ASP A 421 40.75 9.41 -4.54
N PHE A 422 40.05 9.89 -5.56
CA PHE A 422 40.12 11.31 -5.90
C PHE A 422 39.56 12.18 -4.78
N ALA A 423 38.42 11.78 -4.22
CA ALA A 423 37.77 12.61 -3.21
C ALA A 423 38.61 12.72 -1.96
N VAL A 424 39.20 11.62 -1.50
CA VAL A 424 39.98 11.67 -0.26
C VAL A 424 41.18 12.58 -0.41
N SER A 425 41.79 12.60 -1.60
CA SER A 425 42.92 13.48 -1.83
C SER A 425 42.52 14.94 -1.67
N LYS A 426 41.28 15.27 -2.03
CA LYS A 426 40.77 16.62 -1.87
C LYS A 426 40.29 16.92 -0.46
N GLY A 427 40.68 16.10 0.52
CA GLY A 427 40.32 16.34 1.89
C GLY A 427 38.98 15.80 2.31
N PHE A 428 38.33 14.97 1.49
CA PHE A 428 37.04 14.42 1.85
C PHE A 428 37.22 13.15 2.68
N PHE A 429 36.15 12.79 3.39
CA PHE A 429 36.10 11.57 4.20
C PHE A 429 37.08 11.60 5.36
N LYS A 430 37.59 12.78 5.71
CA LYS A 430 38.42 12.89 6.90
C LYS A 430 37.61 12.43 8.12
N GLU A 431 38.21 11.58 8.94
CA GLU A 431 37.49 10.96 10.05
C GLU A 431 37.11 12.03 11.05
N GLY A 432 35.83 12.40 11.07
CA GLY A 432 35.32 13.45 11.93
C GLY A 432 34.59 14.56 11.22
N SER A 433 34.36 14.45 9.91
CA SER A 433 33.67 15.50 9.17
C SER A 433 32.16 15.32 9.26
N SER A 434 31.43 16.37 8.90
CA SER A 434 29.98 16.33 8.87
C SER A 434 29.43 15.67 7.60
N VAL A 435 30.25 15.49 6.58
CA VAL A 435 29.85 14.85 5.33
C VAL A 435 30.54 13.49 5.28
N GLU A 436 29.74 12.43 5.27
CA GLU A 436 30.26 11.07 5.26
C GLU A 436 29.38 10.23 4.33
N LEU A 437 29.53 8.91 4.41
CA LEU A 437 28.76 7.99 3.58
C LEU A 437 27.67 7.35 4.43
N LYS A 438 26.43 7.47 3.97
CA LYS A 438 25.30 6.85 4.65
C LYS A 438 24.31 6.19 3.70
N HIS A 439 24.59 6.16 2.40
CA HIS A 439 23.70 5.57 1.42
C HIS A 439 24.47 4.55 0.60
N PHE A 440 23.98 3.31 0.57
CA PHE A 440 24.70 2.22 -0.07
C PHE A 440 23.73 1.32 -0.82
N PHE A 441 24.26 0.64 -1.84
CA PHE A 441 23.56 -0.48 -2.46
C PHE A 441 23.62 -1.66 -1.51
N PHE A 442 22.50 -1.96 -0.84
CA PHE A 442 22.44 -3.08 0.06
C PHE A 442 22.15 -4.37 -0.70
N ALA A 443 22.53 -5.49 -0.10
CA ALA A 443 22.34 -6.81 -0.70
C ALA A 443 21.17 -7.54 -0.03
N GLN A 444 20.62 -8.51 -0.75
CA GLN A 444 19.49 -9.29 -0.28
C GLN A 444 19.73 -10.77 -0.54
N ASP A 445 19.20 -11.61 0.34
CA ASP A 445 19.35 -13.05 0.22
C ASP A 445 18.19 -13.61 -0.61
N GLY A 446 18.13 -14.94 -0.73
CA GLY A 446 17.18 -15.55 -1.65
C GLY A 446 15.74 -15.28 -1.29
N ASN A 447 15.40 -15.39 0.00
CA ASN A 447 14.02 -15.25 0.43
C ASN A 447 13.68 -13.80 0.77
N ALA A 448 13.99 -12.90 -0.15
CA ALA A 448 13.73 -11.47 0.02
C ALA A 448 12.50 -11.01 -0.74
N ALA A 449 12.32 -11.47 -1.97
CA ALA A 449 11.14 -11.08 -2.75
C ALA A 449 9.86 -11.51 -2.03
N ILE A 450 9.80 -12.77 -1.62
CA ILE A 450 8.61 -13.24 -0.92
C ILE A 450 8.48 -12.56 0.43
N SER A 451 9.60 -12.29 1.09
CA SER A 451 9.55 -11.50 2.31
C SER A 451 9.02 -10.10 2.03
N ASP A 452 9.45 -9.51 0.91
CA ASP A 452 8.93 -8.20 0.52
C ASP A 452 7.45 -8.27 0.17
N TYR A 453 7.05 -9.31 -0.56
CA TYR A 453 5.65 -9.45 -0.92
C TYR A 453 4.77 -9.67 0.30
N ASP A 454 5.31 -10.32 1.33
CA ASP A 454 4.52 -10.59 2.52
C ASP A 454 4.16 -9.34 3.29
N TYR A 455 4.76 -8.20 2.95
CA TYR A 455 4.38 -6.94 3.58
C TYR A 455 2.95 -6.53 3.23
N TYR A 456 2.34 -7.17 2.24
CA TYR A 456 0.94 -6.89 1.94
C TYR A 456 0.02 -7.34 3.06
N ARG A 457 0.53 -8.09 4.03
CA ARG A 457 -0.27 -8.44 5.20
C ARG A 457 -0.71 -7.20 5.97
N TYR A 458 -0.06 -6.06 5.74
CA TYR A 458 -0.47 -4.81 6.36
C TYR A 458 -1.74 -4.25 5.75
N ASN A 459 -2.17 -4.74 4.60
CA ASN A 459 -3.40 -4.31 3.97
C ASN A 459 -4.57 -5.10 4.56
N LEU A 460 -5.53 -4.39 5.14
CA LEU A 460 -6.66 -5.02 5.80
C LEU A 460 -7.96 -4.47 5.23
N PRO A 461 -9.03 -5.25 5.26
CA PRO A 461 -10.31 -4.74 4.76
C PRO A 461 -10.81 -3.59 5.62
N THR A 462 -10.88 -2.40 5.04
CA THR A 462 -11.22 -1.19 5.78
C THR A 462 -12.55 -0.64 5.27
N MET A 463 -13.49 -0.44 6.18
CA MET A 463 -14.77 0.16 5.86
C MET A 463 -14.73 1.62 6.27
N CYS A 464 -15.20 2.50 5.38
CA CYS A 464 -15.06 3.93 5.57
C CYS A 464 -16.34 4.56 6.10
N ASP A 465 -16.19 5.74 6.69
CA ASP A 465 -17.31 6.59 7.08
C ASP A 465 -17.94 7.15 5.82
N ILE A 466 -18.98 6.47 5.31
CA ILE A 466 -19.45 6.76 3.96
C ILE A 466 -20.00 8.18 3.87
N ARG A 467 -20.78 8.61 4.85
CA ARG A 467 -21.33 9.96 4.80
C ARG A 467 -20.21 11.00 4.83
N GLN A 468 -19.12 10.70 5.54
CA GLN A 468 -17.97 11.60 5.53
C GLN A 468 -17.21 11.49 4.22
N LEU A 469 -17.02 10.28 3.70
CA LEU A 469 -16.29 10.12 2.44
C LEU A 469 -17.05 10.72 1.27
N LEU A 470 -18.38 10.71 1.32
CA LEU A 470 -19.18 11.24 0.22
C LEU A 470 -19.15 12.77 0.18
N PHE A 471 -18.79 13.43 1.28
CA PHE A 471 -18.57 14.87 1.27
C PHE A 471 -17.14 15.22 0.91
N VAL A 472 -16.19 14.46 1.44
CA VAL A 472 -14.78 14.71 1.13
C VAL A 472 -14.52 14.55 -0.36
N VAL A 473 -15.27 13.67 -1.02
CA VAL A 473 -15.04 13.47 -2.45
C VAL A 473 -15.47 14.70 -3.25
N GLU A 474 -16.56 15.35 -2.83
CA GLU A 474 -16.98 16.58 -3.50
C GLU A 474 -15.96 17.68 -3.31
N VAL A 475 -15.42 17.82 -2.09
CA VAL A 475 -14.38 18.82 -1.86
C VAL A 475 -13.11 18.45 -2.63
N VAL A 476 -12.72 17.18 -2.57
CA VAL A 476 -11.55 16.74 -3.32
C VAL A 476 -11.77 16.92 -4.81
N ASP A 477 -13.04 16.96 -5.24
CA ASP A 477 -13.33 17.13 -6.66
C ASP A 477 -13.02 18.55 -7.11
N LYS A 478 -13.23 19.54 -6.23
CA LYS A 478 -12.96 20.92 -6.60
C LYS A 478 -11.47 21.12 -6.89
N TYR A 479 -10.61 20.44 -6.13
CA TYR A 479 -9.17 20.56 -6.34
C TYR A 479 -8.79 20.14 -7.74
N PHE A 480 -9.62 19.34 -8.40
CA PHE A 480 -9.37 18.87 -9.75
C PHE A 480 -10.32 19.49 -10.77
N ASP A 481 -10.96 20.59 -10.40
CA ASP A 481 -11.98 21.22 -11.24
C ASP A 481 -11.40 22.24 -12.21
N CYS A 482 -10.09 22.45 -12.20
CA CYS A 482 -9.43 23.37 -13.12
C CYS A 482 -8.72 22.65 -14.25
N TYR A 483 -8.98 21.36 -14.45
CA TYR A 483 -8.33 20.57 -15.47
C TYR A 483 -9.35 20.02 -16.44
N ASP A 484 -8.89 19.74 -17.67
CA ASP A 484 -9.72 19.18 -18.72
C ASP A 484 -9.23 17.78 -19.07
N GLY A 485 -10.18 16.90 -19.34
CA GLY A 485 -9.84 15.52 -19.66
C GLY A 485 -11.04 14.79 -20.21
N GLY A 486 -10.81 13.55 -20.59
CA GLY A 486 -11.85 12.72 -21.14
C GLY A 486 -11.25 11.64 -22.03
N CYS A 487 -12.14 10.88 -22.65
CA CYS A 487 -11.72 9.79 -23.51
C CYS A 487 -10.99 10.35 -24.73
N ILE A 488 -9.96 9.64 -25.18
CA ILE A 488 -9.26 9.97 -26.41
C ILE A 488 -9.02 8.70 -27.21
N ASN A 489 -8.84 8.87 -28.51
CA ASN A 489 -8.68 7.75 -29.42
C ASN A 489 -7.26 7.21 -29.36
N ALA A 490 -7.04 6.11 -30.07
CA ALA A 490 -5.73 5.46 -30.06
C ALA A 490 -4.66 6.31 -30.74
N ASN A 491 -5.07 7.28 -31.58
CA ASN A 491 -4.12 8.09 -32.32
C ASN A 491 -3.74 9.38 -31.60
N GLN A 492 -4.38 9.69 -30.48
CA GLN A 492 -4.06 10.90 -29.73
C GLN A 492 -3.21 10.62 -28.50
N VAL A 493 -2.81 9.38 -28.26
CA VAL A 493 -2.10 9.03 -27.04
C VAL A 493 -0.61 9.16 -27.27
N ILE A 494 0.06 9.87 -26.37
CA ILE A 494 1.51 10.04 -26.40
C ILE A 494 2.10 9.14 -25.34
N VAL A 495 3.04 8.28 -25.74
CA VAL A 495 3.64 7.30 -24.85
C VAL A 495 5.09 7.69 -24.63
N ASN A 496 5.46 7.86 -23.37
CA ASN A 496 6.83 8.11 -22.97
C ASN A 496 7.38 6.89 -22.24
N ASN A 497 8.65 6.56 -22.51
CA ASN A 497 9.28 5.38 -21.96
C ASN A 497 8.52 4.11 -22.39
N LEU A 498 8.58 3.85 -23.69
CA LEU A 498 7.98 2.67 -24.26
C LEU A 498 8.61 1.38 -23.75
N ASP A 499 9.78 1.45 -23.12
CA ASP A 499 10.52 0.27 -22.72
C ASP A 499 10.04 -0.33 -21.41
N LYS A 500 8.98 0.20 -20.82
CA LYS A 500 8.45 -0.38 -19.60
C LYS A 500 7.97 -1.80 -19.85
N SER A 501 8.17 -2.66 -18.87
CA SER A 501 7.80 -4.06 -19.01
C SER A 501 6.31 -4.21 -19.26
N ALA A 502 5.94 -5.20 -20.06
CA ALA A 502 4.55 -5.43 -20.44
C ALA A 502 3.81 -6.36 -19.50
N GLY A 503 4.46 -6.87 -18.46
CA GLY A 503 3.81 -7.73 -17.49
C GLY A 503 3.76 -9.18 -17.95
N PHE A 504 3.32 -10.03 -17.03
CA PHE A 504 3.23 -11.46 -17.27
C PHE A 504 1.91 -11.81 -17.97
N PRO A 505 1.94 -12.66 -19.01
CA PRO A 505 3.09 -13.32 -19.63
C PRO A 505 3.69 -12.50 -20.78
N PHE A 506 3.12 -11.32 -21.02
CA PHE A 506 3.55 -10.52 -22.17
C PHE A 506 5.03 -10.17 -22.09
N ASN A 507 5.59 -10.12 -20.89
CA ASN A 507 7.01 -9.80 -20.74
C ASN A 507 7.91 -10.90 -21.26
N LYS A 508 7.35 -12.07 -21.59
CA LYS A 508 8.17 -13.15 -22.15
C LYS A 508 8.63 -12.84 -23.57
N TRP A 509 7.93 -11.96 -24.30
CA TRP A 509 8.22 -11.73 -25.71
C TRP A 509 8.49 -10.27 -26.03
N GLY A 510 8.70 -9.42 -25.04
CA GLY A 510 9.14 -8.06 -25.30
C GLY A 510 8.56 -7.09 -24.30
N LYS A 511 8.85 -5.81 -24.54
CA LYS A 511 8.40 -4.72 -23.70
C LYS A 511 7.12 -4.13 -24.29
N ALA A 512 6.67 -3.01 -23.73
CA ALA A 512 5.46 -2.36 -24.22
C ALA A 512 5.65 -1.79 -25.62
N ARG A 513 6.89 -1.58 -26.06
CA ARG A 513 7.13 -1.05 -27.40
C ARG A 513 6.61 -2.01 -28.46
N LEU A 514 6.84 -3.31 -28.27
CA LEU A 514 6.44 -4.29 -29.28
C LEU A 514 4.94 -4.25 -29.53
N TYR A 515 4.14 -4.36 -28.46
CA TYR A 515 2.70 -4.46 -28.63
C TYR A 515 2.11 -3.20 -29.22
N TYR A 516 2.58 -2.03 -28.77
CA TYR A 516 2.07 -0.79 -29.32
C TYR A 516 2.35 -0.69 -30.81
N ASP A 517 3.47 -1.27 -31.27
CA ASP A 517 3.79 -1.24 -32.68
C ASP A 517 2.92 -2.21 -33.47
N SER A 518 2.68 -3.40 -32.92
CA SER A 518 1.93 -4.41 -33.66
C SER A 518 0.48 -4.02 -33.87
N MET A 519 -0.17 -3.49 -32.84
CA MET A 519 -1.59 -3.18 -32.93
C MET A 519 -1.82 -1.96 -33.82
N SER A 520 -2.87 -2.01 -34.62
CA SER A 520 -3.32 -0.86 -35.37
C SER A 520 -4.20 0.02 -34.49
N TYR A 521 -4.38 1.27 -34.91
CA TYR A 521 -5.16 2.20 -34.10
C TYR A 521 -6.57 1.68 -33.87
N GLU A 522 -7.14 0.98 -34.86
CA GLU A 522 -8.48 0.45 -34.72
C GLU A 522 -8.53 -0.65 -33.65
N ASP A 523 -7.55 -1.56 -33.66
CA ASP A 523 -7.54 -2.64 -32.69
C ASP A 523 -7.44 -2.09 -31.28
N GLN A 524 -6.58 -1.10 -31.06
CA GLN A 524 -6.54 -0.43 -29.77
C GLN A 524 -7.88 0.20 -29.45
N ASP A 525 -8.51 0.84 -30.43
CA ASP A 525 -9.80 1.47 -30.19
C ASP A 525 -10.85 0.43 -29.82
N ALA A 526 -10.93 -0.67 -30.57
CA ALA A 526 -11.89 -1.72 -30.24
C ALA A 526 -11.58 -2.32 -28.88
N LEU A 527 -10.30 -2.53 -28.58
CA LEU A 527 -9.93 -3.06 -27.27
C LEU A 527 -10.43 -2.15 -26.16
N PHE A 528 -10.25 -0.84 -26.32
CA PHE A 528 -10.78 0.10 -25.34
C PHE A 528 -12.30 0.02 -25.27
N ALA A 529 -12.96 -0.06 -26.42
CA ALA A 529 -14.41 -0.19 -26.43
C ALA A 529 -14.83 -1.52 -25.79
N TYR A 530 -14.06 -2.58 -26.02
CA TYR A 530 -14.35 -3.86 -25.38
C TYR A 530 -14.34 -3.73 -23.86
N THR A 531 -13.33 -3.03 -23.31
CA THR A 531 -13.22 -2.88 -21.88
C THR A 531 -14.40 -2.11 -21.29
N LYS A 532 -15.15 -1.41 -22.13
CA LYS A 532 -16.30 -0.64 -21.67
C LYS A 532 -17.56 -1.49 -21.53
N ARG A 533 -17.47 -2.79 -21.80
CA ARG A 533 -18.60 -3.68 -21.60
C ARG A 533 -18.22 -5.02 -20.98
N ASN A 534 -16.97 -5.21 -20.56
CA ASN A 534 -16.53 -6.47 -19.96
C ASN A 534 -15.48 -6.16 -18.91
N VAL A 535 -14.89 -7.21 -18.34
CA VAL A 535 -13.79 -7.10 -17.40
C VAL A 535 -12.64 -7.97 -17.90
N ILE A 536 -11.44 -7.41 -17.90
CA ILE A 536 -10.23 -8.13 -18.29
C ILE A 536 -9.31 -8.21 -17.09
N PRO A 537 -9.34 -9.31 -16.34
CA PRO A 537 -8.48 -9.44 -15.15
C PRO A 537 -7.07 -9.86 -15.48
N THR A 538 -6.15 -8.91 -15.70
CA THR A 538 -4.80 -9.23 -16.12
C THR A 538 -3.93 -9.62 -14.93
N ILE A 539 -2.64 -9.87 -15.21
CA ILE A 539 -1.67 -10.34 -14.23
C ILE A 539 -0.53 -9.33 -14.13
N THR A 540 -0.05 -9.10 -12.91
CA THR A 540 1.08 -8.22 -12.67
C THR A 540 2.25 -9.04 -12.13
N GLN A 541 3.47 -8.70 -12.54
CA GLN A 541 4.66 -9.42 -12.14
C GLN A 541 5.56 -8.51 -11.31
N MET A 542 5.93 -8.97 -10.13
CA MET A 542 6.77 -8.20 -9.21
C MET A 542 8.21 -8.71 -9.25
N ASN A 543 9.15 -7.77 -9.34
CA ASN A 543 10.56 -8.07 -9.42
C ASN A 543 11.29 -7.31 -8.33
N LEU A 544 12.62 -7.48 -8.29
CA LEU A 544 13.47 -6.77 -7.35
C LEU A 544 14.31 -5.75 -8.09
N LYS A 545 14.49 -4.58 -7.49
CA LYS A 545 15.14 -3.45 -8.13
C LYS A 545 16.35 -3.02 -7.31
N TYR A 546 17.38 -2.53 -7.99
CA TYR A 546 18.57 -2.00 -7.33
C TYR A 546 18.35 -0.52 -7.01
N ALA A 547 18.73 -0.12 -5.80
CA ALA A 547 18.53 1.25 -5.38
C ALA A 547 19.60 1.65 -4.38
N ILE A 548 19.90 2.94 -4.35
CA ILE A 548 20.76 3.49 -3.30
C ILE A 548 19.88 3.99 -2.17
N SER A 549 20.17 3.52 -0.96
CA SER A 549 19.35 3.89 0.19
C SER A 549 20.19 3.81 1.45
N ALA A 550 19.67 4.41 2.51
CA ALA A 550 20.30 4.35 3.82
C ALA A 550 19.81 3.15 4.64
N LYS A 551 18.95 2.31 4.07
CA LYS A 551 18.39 1.18 4.78
C LYS A 551 18.47 -0.06 3.89
N ASN A 552 18.50 -1.23 4.53
CA ASN A 552 18.68 -2.48 3.81
C ASN A 552 17.38 -3.10 3.36
N ARG A 553 16.24 -2.43 3.56
CA ARG A 553 14.98 -2.96 3.08
C ARG A 553 15.03 -3.19 1.58
N ALA A 554 14.48 -4.30 1.13
CA ALA A 554 14.45 -4.63 -0.29
C ALA A 554 13.48 -3.73 -1.03
N ARG A 555 13.72 -3.58 -2.33
CA ARG A 555 12.89 -2.74 -3.18
C ARG A 555 12.42 -3.51 -4.39
N THR A 556 11.15 -3.34 -4.74
CA THR A 556 10.53 -4.09 -5.83
C THR A 556 9.79 -3.16 -6.77
N VAL A 557 9.76 -3.52 -8.04
CA VAL A 557 9.04 -2.80 -9.08
C VAL A 557 8.07 -3.77 -9.74
N ALA A 558 6.82 -3.34 -9.88
CA ALA A 558 5.77 -4.16 -10.44
C ALA A 558 5.52 -3.79 -11.90
N GLY A 559 5.48 -4.80 -12.77
CA GLY A 559 5.17 -4.58 -14.16
C GLY A 559 3.75 -4.95 -14.52
N VAL A 560 2.88 -3.95 -14.66
CA VAL A 560 1.48 -4.23 -14.93
C VAL A 560 1.32 -4.76 -16.35
N SER A 561 0.21 -5.45 -16.58
CA SER A 561 -0.04 -6.06 -17.88
C SER A 561 -0.27 -4.98 -18.94
N ILE A 562 0.21 -5.24 -20.14
CA ILE A 562 0.09 -4.26 -21.22
C ILE A 562 -1.38 -4.01 -21.55
N CYS A 563 -2.21 -5.04 -21.44
CA CYS A 563 -3.64 -4.87 -21.71
C CYS A 563 -4.23 -3.80 -20.81
N SER A 564 -3.79 -3.75 -19.55
CA SER A 564 -4.35 -2.78 -18.62
C SER A 564 -3.83 -1.37 -18.89
N THR A 565 -2.57 -1.25 -19.32
CA THR A 565 -2.00 0.08 -19.54
C THR A 565 -2.57 0.72 -20.80
N MET A 566 -2.73 -0.05 -21.86
CA MET A 566 -3.24 0.54 -23.10
C MET A 566 -4.61 1.17 -22.88
N THR A 567 -5.51 0.46 -22.22
CA THR A 567 -6.86 0.99 -22.03
C THR A 567 -6.86 2.13 -21.03
N ASN A 568 -5.99 2.07 -20.03
CA ASN A 568 -5.96 3.13 -19.03
C ASN A 568 -5.48 4.45 -19.62
N ARG A 569 -4.51 4.39 -20.53
CA ARG A 569 -4.02 5.62 -21.15
C ARG A 569 -5.10 6.29 -21.99
N GLN A 570 -5.87 5.51 -22.76
CA GLN A 570 -6.97 6.10 -23.52
C GLN A 570 -8.02 6.70 -22.61
N PHE A 571 -8.05 6.29 -21.33
CA PHE A 571 -9.05 6.77 -20.39
C PHE A 571 -8.59 8.00 -19.62
N HIS A 572 -7.31 8.09 -19.29
CA HIS A 572 -6.80 9.11 -18.38
C HIS A 572 -5.75 10.02 -18.99
N GLN A 573 -5.19 9.68 -20.15
CA GLN A 573 -4.07 10.46 -20.68
C GLN A 573 -4.43 11.93 -20.81
N LYS A 574 -5.65 12.24 -21.26
CA LYS A 574 -6.02 13.63 -21.43
C LYS A 574 -6.03 14.37 -20.10
N LEU A 575 -6.55 13.75 -19.05
CA LEU A 575 -6.56 14.40 -17.75
C LEU A 575 -5.16 14.46 -17.15
N LEU A 576 -4.37 13.39 -17.30
CA LEU A 576 -3.05 13.37 -16.71
C LEU A 576 -2.19 14.50 -17.29
N LYS A 577 -2.24 14.67 -18.60
CA LYS A 577 -1.45 15.73 -19.23
C LYS A 577 -1.91 17.10 -18.73
N SER A 578 -3.21 17.28 -18.54
CA SER A 578 -3.71 18.58 -18.12
C SER A 578 -3.15 18.97 -16.75
N ILE A 579 -3.16 18.04 -15.80
CA ILE A 579 -2.60 18.33 -14.49
C ILE A 579 -1.11 18.58 -14.58
N ALA A 580 -0.40 17.77 -15.37
CA ALA A 580 1.05 17.91 -15.46
C ALA A 580 1.48 19.21 -16.12
N ALA A 581 0.60 19.83 -16.91
CA ALA A 581 0.93 21.05 -17.63
C ALA A 581 0.46 22.31 -16.92
N THR A 582 -0.12 22.16 -15.73
CA THR A 582 -0.68 23.29 -15.01
C THR A 582 0.29 23.76 -13.93
N ARG A 583 0.48 25.06 -13.83
CA ARG A 583 1.35 25.66 -12.83
C ARG A 583 0.54 26.58 -11.92
N GLY A 584 0.76 26.47 -10.62
CA GLY A 584 0.09 27.28 -9.65
C GLY A 584 -1.06 26.61 -8.92
N ALA A 585 -1.33 25.35 -9.22
CA ALA A 585 -2.42 24.63 -8.58
C ALA A 585 -1.92 23.90 -7.34
N THR A 586 -2.84 23.24 -6.63
CA THR A 586 -2.46 22.51 -5.43
C THR A 586 -1.56 21.32 -5.76
N VAL A 587 -1.88 20.59 -6.81
CA VAL A 587 -1.10 19.44 -7.22
C VAL A 587 0.05 19.92 -8.09
N VAL A 588 1.28 19.60 -7.70
CA VAL A 588 2.45 20.03 -8.45
C VAL A 588 3.15 18.80 -9.01
N ILE A 589 2.73 18.37 -10.18
CA ILE A 589 3.36 17.25 -10.89
C ILE A 589 3.73 17.77 -12.27
N GLY A 590 4.94 17.47 -12.71
CA GLY A 590 5.42 17.97 -13.98
C GLY A 590 5.90 19.40 -13.95
N THR A 591 6.02 20.02 -12.78
CA THR A 591 6.60 21.34 -12.63
C THR A 591 8.06 21.17 -12.23
N SER A 592 8.97 21.56 -13.13
CA SER A 592 10.39 21.44 -12.84
C SER A 592 10.80 22.39 -11.73
N LYS A 593 11.68 21.91 -10.85
CA LYS A 593 12.25 22.77 -9.82
C LYS A 593 13.21 23.79 -10.42
N PHE A 594 13.65 23.58 -11.65
CA PHE A 594 14.65 24.44 -12.25
C PHE A 594 14.03 25.76 -12.70
N TYR A 595 14.90 26.72 -13.04
CA TYR A 595 14.49 27.99 -13.61
C TYR A 595 13.49 28.70 -12.70
N GLY A 596 13.75 28.66 -11.40
CA GLY A 596 12.88 29.31 -10.44
C GLY A 596 11.64 28.55 -10.11
N GLY A 597 11.43 27.37 -10.68
CA GLY A 597 10.24 26.61 -10.39
C GLY A 597 10.07 26.35 -8.90
N TRP A 598 11.15 25.95 -8.24
CA TRP A 598 11.09 25.75 -6.80
C TRP A 598 10.67 27.04 -6.10
N HIS A 599 11.21 28.18 -6.55
CA HIS A 599 10.83 29.45 -5.96
C HIS A 599 9.37 29.77 -6.23
N ASN A 600 8.92 29.59 -7.47
CA ASN A 600 7.53 29.85 -7.81
C ASN A 600 6.60 28.90 -7.07
N MET A 601 6.97 27.62 -6.99
CA MET A 601 6.16 26.66 -6.25
C MET A 601 5.96 27.11 -4.81
N LEU A 602 7.06 27.49 -4.15
CA LEU A 602 6.96 27.87 -2.74
C LEU A 602 6.12 29.13 -2.57
N LYS A 603 6.29 30.11 -3.47
CA LYS A 603 5.50 31.32 -3.35
C LYS A 603 4.02 31.06 -3.58
N THR A 604 3.69 30.06 -4.41
CA THR A 604 2.30 29.68 -4.57
C THR A 604 1.74 29.08 -3.29
N VAL A 605 2.55 28.29 -2.59
CA VAL A 605 2.11 27.74 -1.31
C VAL A 605 1.90 28.85 -0.29
N TYR A 606 2.73 29.89 -0.37
CA TYR A 606 2.72 30.98 0.59
C TYR A 606 1.63 31.99 0.26
N SER A 607 0.62 31.60 -0.50
CA SER A 607 -0.23 32.55 -1.20
C SER A 607 -0.65 33.74 -0.34
N ASP A 608 -1.54 33.48 0.62
CA ASP A 608 -2.02 34.57 1.48
C ASP A 608 -2.17 34.13 2.92
N VAL A 609 -1.50 33.06 3.33
CA VAL A 609 -1.69 32.52 4.67
C VAL A 609 -1.31 33.60 5.68
N GLU A 610 -2.19 33.83 6.66
CA GLU A 610 -2.06 34.98 7.53
C GLU A 610 -0.91 34.79 8.53
N ASN A 611 -0.95 33.70 9.29
CA ASN A 611 0.09 33.43 10.28
C ASN A 611 0.82 32.14 9.89
N PRO A 612 1.58 32.15 8.81
CA PRO A 612 2.02 30.89 8.20
C PRO A 612 3.08 30.17 9.04
N HIS A 613 2.88 28.86 9.18
CA HIS A 613 3.96 27.93 9.47
C HIS A 613 3.88 26.80 8.45
N LEU A 614 5.02 26.17 8.20
CA LEU A 614 5.06 25.06 7.28
C LEU A 614 4.96 23.75 8.04
N MET A 615 4.52 22.70 7.36
CA MET A 615 4.34 21.40 7.98
C MET A 615 4.55 20.32 6.95
N GLY A 616 4.95 19.14 7.42
CA GLY A 616 5.10 17.99 6.55
C GLY A 616 4.86 16.73 7.34
N TRP A 617 4.51 15.67 6.61
CA TRP A 617 4.22 14.38 7.23
C TRP A 617 4.62 13.30 6.25
N ASP A 618 4.33 12.05 6.62
CA ASP A 618 4.56 10.91 5.75
C ASP A 618 3.49 9.87 5.98
N TYR A 619 3.39 8.94 5.04
CA TYR A 619 2.42 7.85 5.09
C TYR A 619 3.19 6.54 5.28
N PRO A 620 3.18 5.94 6.46
CA PRO A 620 3.92 4.68 6.65
C PRO A 620 3.35 3.58 5.77
N LYS A 621 4.24 2.90 5.05
CA LYS A 621 3.86 1.77 4.20
C LYS A 621 2.69 2.16 3.29
N CYS A 622 2.80 3.34 2.68
CA CYS A 622 1.66 3.89 1.94
C CYS A 622 1.23 2.95 0.82
N ASP A 623 2.19 2.47 0.03
CA ASP A 623 1.86 1.65 -1.12
C ASP A 623 1.26 0.31 -0.72
N ARG A 624 1.46 -0.13 0.52
CA ARG A 624 0.98 -1.43 0.96
C ARG A 624 -0.29 -1.35 1.77
N ALA A 625 -0.48 -0.30 2.56
CA ALA A 625 -1.57 -0.25 3.53
C ALA A 625 -2.76 0.59 3.06
N MET A 626 -2.75 1.09 1.83
CA MET A 626 -3.86 1.93 1.39
C MET A 626 -5.12 1.09 1.26
N PRO A 627 -6.21 1.43 1.95
CA PRO A 627 -7.43 0.63 1.83
C PRO A 627 -8.02 0.72 0.44
N ASN A 628 -8.78 -0.32 0.06
CA ASN A 628 -9.33 -0.39 -1.28
C ASN A 628 -10.42 0.65 -1.50
N MET A 629 -11.15 1.03 -0.46
CA MET A 629 -12.19 2.04 -0.63
C MET A 629 -11.60 3.37 -1.08
N LEU A 630 -10.48 3.77 -0.48
CA LEU A 630 -9.87 5.04 -0.86
C LEU A 630 -9.27 4.98 -2.25
N ARG A 631 -8.79 3.82 -2.67
CA ARG A 631 -8.28 3.71 -4.03
C ARG A 631 -9.41 3.73 -5.05
N ILE A 632 -10.54 3.10 -4.73
CA ILE A 632 -11.70 3.19 -5.61
C ILE A 632 -12.19 4.62 -5.70
N MET A 633 -12.21 5.32 -4.56
CA MET A 633 -12.60 6.73 -4.57
C MET A 633 -11.70 7.54 -5.49
N ALA A 634 -10.39 7.32 -5.41
CA ALA A 634 -9.46 8.07 -6.25
C ALA A 634 -9.74 7.82 -7.72
N SER A 635 -10.11 6.58 -8.07
CA SER A 635 -10.40 6.27 -9.47
C SER A 635 -11.66 6.97 -9.96
N LEU A 636 -12.67 7.10 -9.09
CA LEU A 636 -13.90 7.75 -9.49
C LEU A 636 -13.71 9.24 -9.72
N VAL A 637 -12.90 9.88 -8.87
CA VAL A 637 -12.63 11.31 -9.03
C VAL A 637 -11.97 11.57 -10.37
N LEU A 638 -11.03 10.71 -10.78
CA LEU A 638 -10.34 10.91 -12.04
C LEU A 638 -11.28 10.73 -13.23
N ALA A 639 -12.28 9.86 -13.11
CA ALA A 639 -13.17 9.55 -14.22
C ALA A 639 -14.35 10.50 -14.31
N ARG A 640 -14.46 11.47 -13.40
CA ARG A 640 -15.56 12.42 -13.45
C ARG A 640 -15.53 13.31 -14.67
N LYS A 641 -14.41 13.35 -15.40
CA LYS A 641 -14.32 14.17 -16.59
C LYS A 641 -15.07 13.57 -17.77
N HIS A 642 -15.41 12.28 -17.72
CA HIS A 642 -16.04 11.60 -18.84
C HIS A 642 -17.55 11.75 -18.81
N THR A 643 -18.04 12.97 -18.64
CA THR A 643 -19.48 13.19 -18.61
C THR A 643 -20.07 13.33 -20.01
N THR A 644 -19.24 13.27 -21.04
CA THR A 644 -19.71 13.35 -22.42
C THR A 644 -19.16 12.24 -23.32
N CYS A 645 -18.00 11.66 -23.00
CA CYS A 645 -17.45 10.57 -23.78
C CYS A 645 -17.92 9.20 -23.31
N CYS A 646 -18.66 9.14 -22.20
CA CYS A 646 -19.06 7.85 -21.64
C CYS A 646 -20.39 8.02 -20.91
N SER A 647 -21.10 6.90 -20.76
CA SER A 647 -22.36 6.85 -20.04
C SER A 647 -22.15 6.18 -18.68
N LEU A 648 -23.25 6.00 -17.95
CA LEU A 648 -23.15 5.38 -16.63
C LEU A 648 -22.66 3.95 -16.73
N SER A 649 -23.24 3.17 -17.64
CA SER A 649 -22.80 1.79 -17.81
C SER A 649 -21.35 1.73 -18.26
N HIS A 650 -20.98 2.62 -19.19
CA HIS A 650 -19.61 2.60 -19.71
C HIS A 650 -18.61 2.91 -18.62
N ARG A 651 -18.93 3.86 -17.74
CA ARG A 651 -17.97 4.25 -16.71
C ARG A 651 -17.84 3.19 -15.63
N PHE A 652 -18.89 2.41 -15.39
CA PHE A 652 -18.77 1.33 -14.41
C PHE A 652 -17.82 0.25 -14.88
N TYR A 653 -17.93 -0.16 -16.14
CA TYR A 653 -17.05 -1.21 -16.65
C TYR A 653 -15.61 -0.72 -16.73
N ARG A 654 -15.41 0.59 -16.80
CA ARG A 654 -14.07 1.13 -16.66
C ARG A 654 -13.56 0.96 -15.24
N LEU A 655 -14.37 1.37 -14.26
CA LEU A 655 -13.95 1.25 -12.87
C LEU A 655 -13.64 -0.20 -12.52
N ALA A 656 -14.49 -1.13 -12.95
CA ALA A 656 -14.26 -2.54 -12.64
C ALA A 656 -12.93 -3.02 -13.20
N ASN A 657 -12.47 -2.41 -14.28
CA ASN A 657 -11.25 -2.88 -14.92
C ASN A 657 -10.01 -2.52 -14.10
N GLU A 658 -9.93 -1.29 -13.60
CA GLU A 658 -8.81 -0.96 -12.72
C GLU A 658 -8.89 -1.76 -11.43
N CYS A 659 -10.10 -1.91 -10.88
CA CYS A 659 -10.23 -2.63 -9.61
C CYS A 659 -9.80 -4.08 -9.76
N ALA A 660 -9.92 -4.64 -10.96
CA ALA A 660 -9.49 -6.01 -11.21
C ALA A 660 -8.07 -6.09 -11.75
N GLN A 661 -7.44 -4.96 -12.03
CA GLN A 661 -6.13 -4.94 -12.69
C GLN A 661 -5.04 -4.32 -11.84
N VAL A 662 -5.33 -3.29 -11.05
CA VAL A 662 -4.31 -2.59 -10.29
C VAL A 662 -4.72 -2.43 -8.83
N LEU A 663 -5.76 -3.14 -8.39
CA LEU A 663 -6.17 -3.11 -7.00
C LEU A 663 -6.12 -4.47 -6.33
N SER A 664 -6.72 -5.48 -6.94
CA SER A 664 -6.76 -6.82 -6.35
C SER A 664 -6.48 -7.86 -7.42
N GLU A 665 -5.52 -7.58 -8.28
CA GLU A 665 -5.16 -8.50 -9.36
C GLU A 665 -4.33 -9.65 -8.81
N MET A 666 -3.87 -10.53 -9.69
CA MET A 666 -3.06 -11.68 -9.32
C MET A 666 -1.61 -11.36 -9.61
N VAL A 667 -0.72 -11.70 -8.67
CA VAL A 667 0.68 -11.32 -8.72
C VAL A 667 1.52 -12.55 -8.97
N MET A 668 2.41 -12.46 -9.95
CA MET A 668 3.34 -13.54 -10.26
C MET A 668 4.66 -13.24 -9.56
N CYS A 669 4.69 -13.51 -8.26
CA CYS A 669 5.88 -13.36 -7.45
C CYS A 669 6.68 -14.66 -7.45
N GLY A 670 7.99 -14.55 -7.49
CA GLY A 670 8.80 -15.74 -7.60
C GLY A 670 8.44 -16.47 -8.88
N GLY A 671 8.13 -17.75 -8.76
CA GLY A 671 7.71 -18.53 -9.90
C GLY A 671 6.26 -18.98 -9.81
N SER A 672 5.56 -18.55 -8.77
CA SER A 672 4.20 -18.99 -8.50
C SER A 672 3.26 -17.78 -8.57
N LEU A 673 1.99 -18.02 -8.22
CA LEU A 673 0.92 -17.04 -8.42
C LEU A 673 0.19 -16.82 -7.11
N TYR A 674 0.05 -15.56 -6.71
CA TYR A 674 -0.60 -15.19 -5.47
C TYR A 674 -1.74 -14.21 -5.76
N VAL A 675 -2.45 -13.82 -4.71
CA VAL A 675 -3.57 -12.89 -4.81
C VAL A 675 -3.20 -11.65 -4.01
N LYS A 676 -3.21 -10.51 -4.68
CA LYS A 676 -2.89 -9.24 -4.02
C LYS A 676 -4.13 -8.71 -3.30
N PRO A 677 -4.07 -8.48 -1.99
CA PRO A 677 -5.27 -8.02 -1.28
C PRO A 677 -5.60 -6.56 -1.53
N GLY A 678 -4.64 -5.75 -1.95
CA GLY A 678 -4.89 -4.33 -2.11
C GLY A 678 -3.57 -3.60 -2.29
N GLY A 679 -3.63 -2.28 -2.06
CA GLY A 679 -2.47 -1.44 -2.23
C GLY A 679 -2.30 -0.96 -3.66
N THR A 680 -1.37 -0.03 -3.82
CA THR A 680 -1.10 0.56 -5.13
C THR A 680 -0.03 -0.24 -5.86
N SER A 681 0.01 -0.04 -7.18
CA SER A 681 0.98 -0.71 -8.05
C SER A 681 1.94 0.33 -8.60
N SER A 682 3.22 0.21 -8.25
CA SER A 682 4.21 1.17 -8.70
C SER A 682 4.31 1.26 -10.21
N GLY A 683 3.92 0.20 -10.92
CA GLY A 683 4.02 0.21 -12.37
C GLY A 683 2.90 0.92 -13.09
N ASP A 684 1.79 1.18 -12.41
CA ASP A 684 0.70 1.90 -13.04
C ASP A 684 1.07 3.36 -13.27
N ALA A 685 0.59 3.93 -14.37
CA ALA A 685 0.92 5.32 -14.68
C ALA A 685 0.15 6.28 -13.79
N THR A 686 -1.06 5.91 -13.39
CA THR A 686 -1.91 6.80 -12.61
C THR A 686 -1.72 6.65 -11.11
N THR A 687 -0.77 5.83 -10.69
CA THR A 687 -0.55 5.64 -9.25
C THR A 687 -0.08 6.94 -8.60
N ALA A 688 0.77 7.69 -9.29
CA ALA A 688 1.23 8.97 -8.75
C ALA A 688 0.09 9.96 -8.62
N TYR A 689 -0.79 10.02 -9.62
CA TYR A 689 -1.92 10.94 -9.56
C TYR A 689 -3.00 10.41 -8.64
N ALA A 690 -3.22 9.09 -8.64
CA ALA A 690 -4.15 8.51 -7.67
C ALA A 690 -3.66 8.71 -6.25
N ASN A 691 -2.34 8.67 -6.05
CA ASN A 691 -1.77 8.99 -4.75
C ASN A 691 -2.11 10.42 -4.34
N SER A 692 -2.05 11.35 -5.29
CA SER A 692 -2.35 12.75 -4.98
C SER A 692 -3.80 12.90 -4.53
N VAL A 693 -4.74 12.23 -5.22
CA VAL A 693 -6.12 12.27 -4.78
C VAL A 693 -6.24 11.67 -3.39
N PHE A 694 -5.55 10.56 -3.16
CA PHE A 694 -5.54 9.97 -1.82
C PHE A 694 -4.91 10.92 -0.82
N ASN A 695 -3.85 11.61 -1.22
CA ASN A 695 -3.20 12.56 -0.33
C ASN A 695 -4.12 13.71 0.05
N ILE A 696 -4.82 14.27 -0.93
CA ILE A 696 -5.74 15.38 -0.64
C ILE A 696 -6.92 14.89 0.17
N CYS A 697 -7.41 13.69 -0.13
CA CYS A 697 -8.53 13.16 0.64
C CYS A 697 -8.17 13.01 2.11
N GLN A 698 -6.97 12.52 2.40
CA GLN A 698 -6.53 12.41 3.78
C GLN A 698 -6.38 13.78 4.41
N ALA A 699 -5.93 14.77 3.63
CA ALA A 699 -5.81 16.13 4.16
C ALA A 699 -7.18 16.74 4.44
N VAL A 700 -8.13 16.58 3.52
CA VAL A 700 -9.46 17.13 3.75
C VAL A 700 -10.14 16.38 4.89
N THR A 701 -9.94 15.06 4.96
CA THR A 701 -10.49 14.30 6.08
C THR A 701 -9.92 14.81 7.40
N ALA A 702 -8.63 15.14 7.42
CA ALA A 702 -8.03 15.67 8.64
C ALA A 702 -8.66 17.01 9.02
N ASN A 703 -8.91 17.87 8.04
CA ASN A 703 -9.52 19.15 8.33
C ASN A 703 -10.97 18.99 8.79
N VAL A 704 -11.69 18.04 8.20
CA VAL A 704 -13.05 17.77 8.64
C VAL A 704 -13.06 17.25 10.07
N ASN A 705 -12.20 16.28 10.37
CA ASN A 705 -12.13 15.75 11.73
C ASN A 705 -11.63 16.82 12.69
N ALA A 706 -10.67 17.64 12.27
CA ALA A 706 -10.21 18.73 13.12
C ALA A 706 -11.32 19.73 13.39
N LEU A 707 -12.10 20.07 12.37
CA LEU A 707 -13.11 21.10 12.51
C LEU A 707 -14.43 20.60 13.10
N LEU A 708 -14.63 19.28 13.14
CA LEU A 708 -15.82 18.71 13.78
C LEU A 708 -15.53 18.13 15.15
N SER A 709 -14.27 17.90 15.49
CA SER A 709 -13.88 17.39 16.79
C SER A 709 -13.53 18.50 17.77
N THR A 710 -13.72 19.75 17.39
CA THR A 710 -13.46 20.90 18.25
C THR A 710 -14.77 21.52 18.66
N ASP A 711 -14.90 21.83 19.95
CA ASP A 711 -16.15 22.39 20.45
C ASP A 711 -16.48 23.67 19.72
N GLY A 712 -17.72 23.78 19.24
CA GLY A 712 -18.16 24.99 18.60
C GLY A 712 -18.48 26.12 19.55
N ASN A 713 -18.64 25.82 20.83
CA ASN A 713 -18.90 26.87 21.82
C ASN A 713 -17.68 27.75 22.05
N LYS A 714 -16.48 27.20 21.90
CA LYS A 714 -15.25 27.92 22.22
C LYS A 714 -14.55 28.48 20.99
N ILE A 715 -15.19 28.41 19.82
CA ILE A 715 -14.65 29.03 18.61
C ILE A 715 -15.10 30.49 18.62
N ALA A 716 -14.21 31.39 19.05
CA ALA A 716 -14.60 32.79 19.21
C ALA A 716 -15.13 33.38 17.91
N ASP A 717 -14.60 32.94 16.78
CA ASP A 717 -15.07 33.46 15.50
C ASP A 717 -16.54 33.13 15.30
N LYS A 718 -17.18 33.90 14.41
CA LYS A 718 -18.57 33.66 14.03
C LYS A 718 -18.68 32.98 12.68
N TYR A 719 -17.90 33.40 11.70
CA TYR A 719 -17.96 32.76 10.39
C TYR A 719 -17.54 31.31 10.49
N VAL A 720 -16.48 31.02 11.26
CA VAL A 720 -16.00 29.65 11.37
C VAL A 720 -17.06 28.76 12.02
N ARG A 721 -17.72 29.25 13.07
CA ARG A 721 -18.74 28.45 13.72
C ARG A 721 -19.89 28.15 12.78
N ASN A 722 -20.28 29.11 11.95
CA ASN A 722 -21.28 28.83 10.92
C ASN A 722 -20.76 27.82 9.91
N LEU A 723 -19.48 27.92 9.57
CA LEU A 723 -18.87 26.93 8.68
C LEU A 723 -18.87 25.55 9.31
N GLN A 724 -18.73 25.49 10.64
CA GLN A 724 -18.77 24.20 11.32
C GLN A 724 -20.16 23.61 11.29
N HIS A 725 -21.17 24.40 11.64
CA HIS A 725 -22.53 23.88 11.73
C HIS A 725 -23.02 23.38 10.39
N ARG A 726 -22.74 24.13 9.32
CA ARG A 726 -23.19 23.71 8.00
C ARG A 726 -22.36 22.55 7.48
N LEU A 727 -21.11 22.42 7.92
CA LEU A 727 -20.31 21.27 7.51
C LEU A 727 -20.92 19.98 8.04
N TYR A 728 -21.42 20.01 9.27
CA TYR A 728 -22.11 18.83 9.81
C TYR A 728 -23.36 18.52 9.00
N GLU A 729 -24.15 19.53 8.65
CA GLU A 729 -25.38 19.29 7.91
C GLU A 729 -25.11 18.57 6.60
N CYS A 730 -24.18 19.10 5.80
CA CYS A 730 -23.89 18.50 4.51
C CYS A 730 -23.25 17.13 4.65
N LEU A 731 -22.83 16.77 5.86
CA LEU A 731 -22.13 15.50 6.08
C LEU A 731 -23.12 14.38 6.42
N TYR A 732 -23.86 14.54 7.52
CA TYR A 732 -24.75 13.52 8.03
C TYR A 732 -26.22 13.84 7.80
N ARG A 733 -26.50 14.88 7.02
CA ARG A 733 -27.84 15.13 6.49
C ARG A 733 -27.65 15.63 5.07
N ASN A 734 -28.75 16.02 4.43
CA ASN A 734 -28.68 16.62 3.09
C ASN A 734 -27.92 15.69 2.13
N ARG A 735 -28.54 14.55 1.86
CA ARG A 735 -27.91 13.56 0.99
C ARG A 735 -27.62 14.12 -0.39
N ASP A 736 -28.28 15.20 -0.80
CA ASP A 736 -27.93 15.87 -2.04
C ASP A 736 -26.60 16.60 -1.88
N VAL A 737 -25.89 16.74 -3.00
CA VAL A 737 -24.63 17.49 -3.01
C VAL A 737 -24.95 18.97 -2.96
N ASP A 738 -24.57 19.62 -1.87
CA ASP A 738 -24.82 21.06 -1.69
C ASP A 738 -23.70 21.82 -2.37
N THR A 739 -23.86 22.05 -3.68
CA THR A 739 -22.79 22.66 -4.46
C THR A 739 -22.37 24.00 -3.87
N ASP A 740 -23.30 24.72 -3.25
CA ASP A 740 -22.96 26.01 -2.67
C ASP A 740 -21.97 25.84 -1.53
N PHE A 741 -22.37 25.12 -0.47
CA PHE A 741 -21.49 24.99 0.68
C PHE A 741 -20.16 24.35 0.31
N VAL A 742 -20.15 23.47 -0.69
CA VAL A 742 -18.89 22.87 -1.11
C VAL A 742 -17.92 23.95 -1.57
N ASN A 743 -18.45 25.06 -2.08
CA ASN A 743 -17.58 26.15 -2.51
C ASN A 743 -16.95 26.86 -1.31
N GLU A 744 -17.76 27.17 -0.30
CA GLU A 744 -17.20 27.88 0.86
C GLU A 744 -16.11 27.07 1.54
N PHE A 745 -16.33 25.77 1.72
CA PHE A 745 -15.31 24.96 2.38
C PHE A 745 -14.04 24.90 1.55
N TYR A 746 -14.18 24.73 0.23
CA TYR A 746 -13.01 24.76 -0.64
C TYR A 746 -12.31 26.11 -0.56
N ALA A 747 -13.09 27.20 -0.56
CA ALA A 747 -12.49 28.52 -0.39
C ALA A 747 -11.86 28.66 0.98
N TYR A 748 -12.51 28.15 2.02
CA TYR A 748 -11.97 28.25 3.37
C TYR A 748 -10.64 27.52 3.47
N LEU A 749 -10.56 26.32 2.89
CA LEU A 749 -9.31 25.57 2.96
C LEU A 749 -8.19 26.29 2.21
N ARG A 750 -8.48 26.81 1.03
CA ARG A 750 -7.44 27.43 0.22
C ARG A 750 -6.82 28.61 0.94
N LYS A 751 -7.62 29.37 1.69
CA LYS A 751 -7.12 30.55 2.37
C LYS A 751 -6.27 30.19 3.57
N HIS A 752 -6.68 29.18 4.34
CA HIS A 752 -6.05 28.86 5.62
C HIS A 752 -5.27 27.56 5.62
N PHE A 753 -5.28 26.80 4.53
CA PHE A 753 -4.55 25.54 4.47
C PHE A 753 -4.12 25.35 3.01
N SER A 754 -2.94 25.87 2.69
CA SER A 754 -2.44 25.89 1.32
C SER A 754 -1.52 24.71 1.13
N MET A 755 -1.85 23.83 0.18
CA MET A 755 -1.17 22.56 0.00
C MET A 755 -0.40 22.56 -1.31
N MET A 756 0.82 22.07 -1.27
CA MET A 756 1.61 21.77 -2.44
C MET A 756 1.85 20.27 -2.39
N ILE A 757 1.09 19.53 -3.19
CA ILE A 757 1.00 18.08 -3.07
C ILE A 757 1.59 17.43 -4.31
N LEU A 758 2.53 16.52 -4.09
CA LEU A 758 3.02 15.59 -5.08
C LEU A 758 2.84 14.19 -4.49
N SER A 759 2.84 13.19 -5.35
CA SER A 759 2.41 11.84 -4.95
C SER A 759 2.88 11.50 -3.55
N ASP A 760 1.90 11.31 -2.65
CA ASP A 760 2.10 10.89 -1.26
C ASP A 760 3.13 11.74 -0.51
N ASP A 761 3.40 12.95 -0.99
CA ASP A 761 4.28 13.86 -0.28
C ASP A 761 3.68 15.26 -0.38
N ALA A 762 3.73 16.00 0.72
CA ALA A 762 3.02 17.26 0.77
C ALA A 762 3.79 18.26 1.61
N VAL A 763 3.60 19.54 1.29
CA VAL A 763 4.02 20.65 2.13
C VAL A 763 2.82 21.56 2.29
N VAL A 764 2.55 21.98 3.51
CA VAL A 764 1.37 22.76 3.82
C VAL A 764 1.78 24.06 4.50
N CYS A 765 1.40 25.17 3.92
CA CYS A 765 1.49 26.46 4.58
C CYS A 765 0.11 26.74 5.16
N PHE A 766 0.02 26.67 6.49
CA PHE A 766 -1.26 26.74 7.18
C PHE A 766 -1.25 27.87 8.18
N ASN A 767 -2.38 28.57 8.28
CA ASN A 767 -2.54 29.62 9.28
C ASN A 767 -2.34 29.03 10.67
N SER A 768 -1.24 29.44 11.32
CA SER A 768 -0.87 28.82 12.59
C SER A 768 -1.93 29.08 13.65
N THR A 769 -2.47 30.30 13.70
CA THR A 769 -3.43 30.63 14.73
C THR A 769 -4.64 29.71 14.68
N TYR A 770 -5.18 29.48 13.49
CA TYR A 770 -6.32 28.58 13.35
C TYR A 770 -5.96 27.16 13.73
N ALA A 771 -4.80 26.67 13.26
CA ALA A 771 -4.39 25.31 13.60
C ALA A 771 -4.17 25.18 15.10
N SER A 772 -3.64 26.23 15.73
CA SER A 772 -3.40 26.17 17.17
C SER A 772 -4.70 25.94 17.93
N GLN A 773 -5.78 26.58 17.51
CA GLN A 773 -7.06 26.48 18.19
C GLN A 773 -8.03 25.53 17.51
N GLY A 774 -7.54 24.68 16.61
CA GLY A 774 -8.31 23.55 16.12
C GLY A 774 -9.27 23.84 14.99
N LEU A 775 -9.04 24.91 14.23
CA LEU A 775 -9.85 25.20 13.05
C LEU A 775 -9.26 24.62 11.77
N VAL A 776 -8.12 23.94 11.86
CA VAL A 776 -7.41 23.46 10.69
C VAL A 776 -6.59 22.25 11.12
N ALA A 777 -6.33 21.35 10.18
CA ALA A 777 -5.60 20.13 10.49
C ALA A 777 -4.23 20.45 11.07
N SER A 778 -3.91 19.79 12.17
CA SER A 778 -2.59 19.84 12.77
C SER A 778 -1.89 18.50 12.48
N ILE A 779 -0.70 18.32 13.05
CA ILE A 779 0.02 17.08 12.82
C ILE A 779 -0.68 15.92 13.53
N LYS A 780 -1.25 16.18 14.70
CA LYS A 780 -1.95 15.12 15.42
C LYS A 780 -3.14 14.61 14.62
N ASN A 781 -3.84 15.51 13.93
CA ASN A 781 -5.01 15.10 13.16
C ASN A 781 -4.65 14.08 12.10
N PHE A 782 -3.52 14.27 11.41
CA PHE A 782 -3.09 13.30 10.42
C PHE A 782 -2.80 11.96 11.08
N LYS A 783 -2.20 11.96 12.26
CA LYS A 783 -1.96 10.72 12.98
C LYS A 783 -3.27 9.99 13.26
N SER A 784 -4.29 10.73 13.71
CA SER A 784 -5.56 10.11 14.02
C SER A 784 -6.20 9.51 12.77
N VAL A 785 -6.16 10.21 11.65
CA VAL A 785 -6.81 9.73 10.44
C VAL A 785 -6.14 8.45 9.95
N LEU A 786 -4.81 8.44 9.92
CA LEU A 786 -4.11 7.28 9.39
C LEU A 786 -4.37 6.04 10.23
N TYR A 787 -4.64 6.22 11.52
CA TYR A 787 -4.84 5.05 12.38
C TYR A 787 -6.11 4.30 11.99
N TYR A 788 -7.22 5.00 11.85
CA TYR A 788 -8.50 4.35 11.60
C TYR A 788 -8.91 4.36 10.13
N GLN A 789 -8.07 4.89 9.24
CA GLN A 789 -8.34 4.81 7.81
C GLN A 789 -7.19 4.20 7.02
N ASN A 790 -6.08 3.87 7.67
CA ASN A 790 -4.97 3.19 7.01
C ASN A 790 -4.41 2.03 7.81
N ASN A 791 -4.80 1.85 9.07
CA ASN A 791 -4.27 0.77 9.89
C ASN A 791 -2.76 0.88 10.03
N VAL A 792 -2.27 2.12 10.18
CA VAL A 792 -0.86 2.39 10.37
C VAL A 792 -0.73 3.46 11.45
N PHE A 793 0.29 3.34 12.29
CA PHE A 793 0.61 4.38 13.26
C PHE A 793 1.72 5.26 12.68
N MET A 794 1.45 6.56 12.59
CA MET A 794 2.37 7.51 11.98
C MET A 794 3.03 8.32 13.09
N SER A 795 4.25 7.95 13.44
CA SER A 795 4.97 8.62 14.51
C SER A 795 5.51 9.96 14.05
N GLU A 796 5.53 10.92 14.98
CA GLU A 796 5.98 12.27 14.67
C GLU A 796 7.47 12.34 14.35
N ALA A 797 8.22 11.27 14.62
CA ALA A 797 9.65 11.30 14.35
C ALA A 797 9.96 11.58 12.89
N LYS A 798 9.04 11.24 11.98
CA LYS A 798 9.22 11.52 10.55
C LYS A 798 8.39 12.70 10.09
N CYS A 799 7.83 13.48 11.02
CA CYS A 799 7.03 14.65 10.70
C CYS A 799 7.76 15.90 11.18
N TRP A 800 7.75 16.93 10.36
CA TRP A 800 8.45 18.17 10.66
C TRP A 800 7.52 19.36 10.53
N THR A 801 7.67 20.32 11.42
CA THR A 801 6.96 21.59 11.36
C THR A 801 7.97 22.71 11.52
N GLU A 802 7.74 23.81 10.80
CA GLU A 802 8.67 24.92 10.76
C GLU A 802 7.93 26.23 11.01
N THR A 803 8.52 27.08 11.85
CA THR A 803 7.86 28.32 12.23
C THR A 803 8.33 29.53 11.42
N ASP A 804 9.49 29.46 10.79
CA ASP A 804 10.05 30.57 10.03
C ASP A 804 10.01 30.22 8.56
N LEU A 805 9.30 31.02 7.77
CA LEU A 805 9.18 30.76 6.34
C LEU A 805 10.44 31.14 5.56
N THR A 806 11.28 32.02 6.12
CA THR A 806 12.53 32.35 5.45
C THR A 806 13.32 31.09 5.13
N LYS A 807 13.45 30.20 6.10
CA LYS A 807 13.93 28.85 5.84
C LYS A 807 12.79 28.03 5.28
N GLY A 808 12.92 27.59 4.03
CA GLY A 808 11.83 26.91 3.36
C GLY A 808 11.47 25.61 4.03
N PRO A 809 10.69 24.78 3.34
CA PRO A 809 10.29 23.49 3.93
C PRO A 809 11.51 22.66 4.31
N HIS A 810 11.39 21.98 5.45
CA HIS A 810 12.50 21.18 5.94
C HIS A 810 12.90 20.11 4.93
N GLU A 811 11.92 19.49 4.29
CA GLU A 811 12.20 18.50 3.26
C GLU A 811 10.94 18.19 2.45
N PHE A 812 11.07 18.22 1.13
CA PHE A 812 9.94 17.94 0.24
C PHE A 812 10.46 17.14 -0.93
N CYS A 813 9.89 15.96 -1.14
CA CYS A 813 10.35 15.05 -2.19
C CYS A 813 11.84 14.78 -2.05
N SER A 814 12.29 14.69 -0.79
CA SER A 814 13.67 14.41 -0.43
C SER A 814 14.61 15.54 -0.81
N GLN A 815 14.22 16.80 -0.62
CA GLN A 815 15.06 17.94 -0.97
C GLN A 815 14.88 19.04 0.06
N HIS A 816 15.97 19.75 0.32
CA HIS A 816 16.00 20.82 1.31
C HIS A 816 16.00 22.17 0.62
N THR A 817 15.62 23.19 1.38
CA THR A 817 15.47 24.55 0.85
C THR A 817 16.35 25.52 1.62
N MET A 818 16.91 26.48 0.90
CA MET A 818 17.72 27.54 1.51
C MET A 818 17.49 28.82 0.73
N LEU A 819 17.21 29.90 1.44
CA LEU A 819 17.02 31.21 0.81
C LEU A 819 18.39 31.83 0.54
N VAL A 820 18.63 32.19 -0.71
CA VAL A 820 19.93 32.69 -1.14
C VAL A 820 19.73 33.94 -2.00
N LYS A 821 20.79 34.74 -2.11
CA LYS A 821 20.73 36.00 -2.84
C LYS A 821 21.26 35.81 -4.25
N GLN A 822 20.42 36.12 -5.25
CA GLN A 822 20.85 36.19 -6.63
C GLN A 822 20.32 37.47 -7.26
N GLY A 823 21.21 38.25 -7.87
CA GLY A 823 20.80 39.41 -8.63
C GLY A 823 20.00 40.41 -7.82
N ASP A 824 20.48 40.73 -6.62
CA ASP A 824 19.81 41.69 -5.75
C ASP A 824 18.37 41.24 -5.45
N ASP A 825 18.20 39.93 -5.29
CA ASP A 825 16.89 39.37 -4.96
C ASP A 825 17.11 38.02 -4.30
N TYR A 826 16.27 37.72 -3.30
CA TYR A 826 16.39 36.50 -2.52
C TYR A 826 15.43 35.45 -3.07
N VAL A 827 15.95 34.27 -3.38
CA VAL A 827 15.19 33.20 -4.01
C VAL A 827 15.43 31.91 -3.24
N TYR A 828 14.60 30.91 -3.53
CA TYR A 828 14.69 29.59 -2.90
C TYR A 828 15.32 28.61 -3.87
N LEU A 829 16.30 27.86 -3.39
CA LEU A 829 17.01 26.88 -4.19
C LEU A 829 16.88 25.51 -3.54
N PRO A 830 16.58 24.46 -4.30
CA PRO A 830 16.49 23.13 -3.70
C PRO A 830 17.81 22.39 -3.74
N TYR A 831 18.26 21.86 -2.61
CA TYR A 831 19.52 21.11 -2.57
C TYR A 831 19.29 19.78 -1.86
N PRO A 832 20.07 18.75 -2.20
CA PRO A 832 19.92 17.45 -1.57
C PRO A 832 20.84 17.28 -0.37
N ASP A 833 20.62 16.20 0.35
CA ASP A 833 21.55 15.81 1.40
C ASP A 833 22.87 15.40 0.77
N PRO A 834 24.01 15.96 1.18
CA PRO A 834 25.27 15.66 0.46
C PRO A 834 25.64 14.19 0.46
N SER A 835 25.22 13.44 1.48
CA SER A 835 25.56 12.01 1.52
C SER A 835 24.99 11.29 0.32
N ARG A 836 23.75 11.62 -0.07
CA ARG A 836 23.18 11.03 -1.28
C ARG A 836 24.03 11.35 -2.49
N ILE A 837 24.47 12.60 -2.61
CA ILE A 837 25.25 13.02 -3.77
C ILE A 837 26.59 12.29 -3.81
N LEU A 838 27.24 12.17 -2.65
CA LEU A 838 28.48 11.41 -2.59
C LEU A 838 28.21 9.92 -2.75
N GLY A 839 27.17 9.41 -2.10
CA GLY A 839 26.86 8.00 -2.19
C GLY A 839 26.64 7.54 -3.62
N ALA A 840 25.91 8.34 -4.40
CA ALA A 840 25.64 7.98 -5.79
C ALA A 840 26.87 8.10 -6.67
N GLY A 841 27.93 8.72 -6.18
CA GLY A 841 29.16 8.82 -6.94
C GLY A 841 30.10 7.66 -6.67
N CYS A 842 30.20 7.26 -5.41
CA CYS A 842 31.11 6.19 -5.04
C CYS A 842 30.65 4.84 -5.59
N PHE A 843 29.34 4.60 -5.61
CA PHE A 843 28.78 3.32 -6.01
C PHE A 843 27.89 3.50 -7.23
N VAL A 844 28.03 2.60 -8.21
CA VAL A 844 27.27 2.66 -9.44
C VAL A 844 26.73 1.26 -9.74
N ASP A 845 25.68 1.21 -10.55
CA ASP A 845 24.90 0.00 -10.78
C ASP A 845 25.49 -0.93 -11.83
N ASP A 846 26.69 -0.64 -12.34
CA ASP A 846 27.46 -1.54 -13.19
C ASP A 846 27.04 -1.53 -14.66
N ILE A 847 26.19 -0.60 -15.08
CA ILE A 847 25.96 -0.39 -16.50
C ILE A 847 26.80 0.75 -17.06
N VAL A 848 27.44 1.54 -16.19
CA VAL A 848 28.25 2.65 -16.67
C VAL A 848 29.64 2.22 -17.09
N LYS A 849 30.16 1.12 -16.54
CA LYS A 849 31.53 0.72 -16.83
C LYS A 849 31.75 0.45 -18.29
N THR A 850 30.70 0.11 -19.03
CA THR A 850 30.84 -0.14 -20.47
C THR A 850 31.31 1.11 -21.20
N ASP A 851 30.73 2.27 -20.87
CA ASP A 851 31.04 3.52 -21.57
C ASP A 851 31.21 4.64 -20.56
N GLY A 852 32.23 5.48 -20.80
CA GLY A 852 32.45 6.62 -19.93
C GLY A 852 31.41 7.71 -20.05
N THR A 853 30.75 7.81 -21.21
CA THR A 853 29.73 8.84 -21.38
C THR A 853 28.63 8.71 -20.34
N LEU A 854 28.16 7.48 -20.10
CA LEU A 854 27.14 7.28 -19.07
C LEU A 854 27.63 7.77 -17.71
N MET A 855 28.93 7.63 -17.44
CA MET A 855 29.47 8.13 -16.19
C MET A 855 29.42 9.66 -16.15
N ILE A 856 29.71 10.31 -17.28
CA ILE A 856 29.65 11.77 -17.33
C ILE A 856 28.23 12.24 -17.05
N GLU A 857 27.26 11.70 -17.78
CA GLU A 857 25.87 12.12 -17.61
C GLU A 857 25.42 11.89 -16.17
N ARG A 858 25.90 10.80 -15.56
CA ARG A 858 25.58 10.54 -14.16
C ARG A 858 26.12 11.66 -13.28
N PHE A 859 27.35 12.10 -13.55
CA PHE A 859 27.97 13.11 -12.69
C PHE A 859 27.38 14.48 -12.92
N VAL A 860 27.16 14.86 -14.18
CA VAL A 860 26.56 16.16 -14.46
C VAL A 860 25.19 16.25 -13.78
N SER A 861 24.38 15.19 -13.91
CA SER A 861 23.09 15.17 -13.24
C SER A 861 23.26 15.34 -11.74
N LEU A 862 24.31 14.76 -11.17
CA LEU A 862 24.59 14.95 -9.75
C LEU A 862 25.10 16.35 -9.47
N ALA A 863 25.89 16.90 -10.40
CA ALA A 863 26.39 18.27 -10.22
C ALA A 863 25.26 19.29 -10.31
N ILE A 864 24.32 19.09 -11.24
CA ILE A 864 23.19 20.01 -11.36
C ILE A 864 22.44 20.08 -10.05
N ASP A 865 22.17 18.93 -9.43
CA ASP A 865 21.49 18.90 -8.16
C ASP A 865 22.41 19.29 -7.01
N ALA A 866 23.72 19.36 -7.25
CA ALA A 866 24.69 19.74 -6.22
C ALA A 866 25.03 21.22 -6.23
N TYR A 867 24.75 21.94 -7.32
CA TYR A 867 25.17 23.34 -7.40
C TYR A 867 24.67 24.17 -6.24
N PRO A 868 23.41 24.07 -5.81
CA PRO A 868 22.95 24.98 -4.75
C PRO A 868 23.75 24.87 -3.47
N LEU A 869 24.42 23.75 -3.24
CA LEU A 869 25.23 23.62 -2.03
C LEU A 869 26.28 24.70 -1.93
N THR A 870 26.71 25.27 -3.06
CA THR A 870 27.70 26.34 -3.03
C THR A 870 27.26 27.48 -2.14
N LYS A 871 25.96 27.73 -2.04
CA LYS A 871 25.44 28.81 -1.22
C LYS A 871 25.24 28.40 0.23
N HIS A 872 25.39 27.13 0.56
CA HIS A 872 25.17 26.70 1.93
C HIS A 872 26.21 27.34 2.85
N PRO A 873 25.82 27.76 4.05
CA PRO A 873 26.81 28.33 4.98
C PRO A 873 27.95 27.36 5.30
N ASN A 874 27.65 26.07 5.44
CA ASN A 874 28.67 25.09 5.77
C ASN A 874 29.67 25.01 4.63
N GLN A 875 30.95 25.12 4.96
CA GLN A 875 31.98 25.08 3.92
C GLN A 875 32.15 23.68 3.35
N GLU A 876 31.98 22.64 4.18
CA GLU A 876 32.10 21.29 3.66
C GLU A 876 31.06 21.01 2.59
N TYR A 877 29.81 21.44 2.82
CA TYR A 877 28.77 21.25 1.83
C TYR A 877 29.14 21.92 0.52
N ALA A 878 29.49 23.21 0.58
CA ALA A 878 29.82 23.94 -0.65
C ALA A 878 30.98 23.28 -1.37
N ASP A 879 31.90 22.69 -0.62
CA ASP A 879 33.06 22.04 -1.24
C ASP A 879 32.65 20.82 -2.03
N VAL A 880 31.45 20.27 -1.77
CA VAL A 880 31.01 19.07 -2.48
C VAL A 880 30.85 19.36 -3.96
N PHE A 881 30.18 20.48 -4.29
CA PHE A 881 29.93 20.79 -5.70
C PHE A 881 31.24 21.00 -6.44
N HIS A 882 32.20 21.68 -5.81
CA HIS A 882 33.48 21.90 -6.46
C HIS A 882 34.19 20.59 -6.73
N LEU A 883 34.11 19.65 -5.79
CA LEU A 883 34.70 18.33 -6.02
C LEU A 883 34.11 17.68 -7.26
N TYR A 884 32.78 17.71 -7.39
CA TYR A 884 32.14 17.11 -8.56
C TYR A 884 32.54 17.84 -9.83
N LEU A 885 32.58 19.17 -9.79
CA LEU A 885 32.98 19.92 -10.96
C LEU A 885 34.41 19.60 -11.36
N GLN A 886 35.31 19.53 -10.39
CA GLN A 886 36.70 19.17 -10.69
C GLN A 886 36.79 17.75 -11.25
N TYR A 887 36.06 16.81 -10.65
CA TYR A 887 36.06 15.45 -11.18
C TYR A 887 35.51 15.42 -12.59
N ILE A 888 34.45 16.19 -12.85
CA ILE A 888 33.90 16.26 -14.20
C ILE A 888 34.94 16.81 -15.16
N ARG A 889 35.68 17.83 -14.75
CA ARG A 889 36.75 18.34 -15.59
C ARG A 889 37.74 17.24 -15.93
N LYS A 890 38.16 16.47 -14.93
CA LYS A 890 39.10 15.38 -15.18
C LYS A 890 38.50 14.37 -16.14
N LEU A 891 37.26 13.94 -15.88
CA LEU A 891 36.63 12.95 -16.76
C LEU A 891 36.47 13.50 -18.17
N HIS A 892 36.01 14.74 -18.29
CA HIS A 892 35.90 15.36 -19.61
C HIS A 892 37.26 15.50 -20.26
N ASP A 893 38.27 15.90 -19.48
CA ASP A 893 39.61 16.06 -20.04
C ASP A 893 40.12 14.73 -20.59
N GLU A 894 39.92 13.64 -19.87
CA GLU A 894 40.38 12.35 -20.34
C GLU A 894 39.71 11.97 -21.65
N LEU A 895 38.41 12.19 -21.75
CA LEU A 895 37.68 11.87 -22.97
C LEU A 895 38.04 12.86 -24.07
N ASN A 911 27.87 29.99 -24.53
CA ASN A 911 28.95 30.00 -23.56
C ASN A 911 28.55 29.25 -22.29
N THR A 912 27.25 29.27 -21.99
CA THR A 912 26.70 28.62 -20.80
C THR A 912 26.22 27.20 -21.10
N SER A 913 26.43 26.70 -22.31
CA SER A 913 26.05 25.34 -22.67
C SER A 913 27.16 24.32 -22.35
N ARG A 914 28.27 24.77 -21.77
CA ARG A 914 29.40 23.90 -21.47
C ARG A 914 29.29 23.42 -20.04
N TYR A 915 29.11 22.11 -19.86
CA TYR A 915 28.81 21.55 -18.54
C TYR A 915 30.03 21.46 -17.65
N TRP A 916 31.20 21.89 -18.11
CA TRP A 916 32.41 21.86 -17.30
C TRP A 916 32.77 23.22 -16.71
N GLU A 917 31.82 24.16 -16.69
CA GLU A 917 31.99 25.44 -16.04
C GLU A 917 30.80 25.74 -15.15
N PRO A 918 31.00 26.49 -14.07
CA PRO A 918 29.86 26.79 -13.18
C PRO A 918 28.74 27.58 -13.83
N GLU A 919 29.01 28.30 -14.91
CA GLU A 919 27.96 29.08 -15.55
C GLU A 919 26.86 28.19 -16.09
N PHE A 920 27.21 26.99 -16.55
CA PHE A 920 26.19 26.06 -17.00
C PHE A 920 25.23 25.70 -15.88
N TYR A 921 25.77 25.46 -14.68
CA TYR A 921 24.94 25.09 -13.54
C TYR A 921 24.28 26.31 -12.90
N GLU A 922 24.75 27.51 -13.22
CA GLU A 922 24.08 28.72 -12.71
C GLU A 922 22.73 28.92 -13.39
N ALA A 923 22.68 28.69 -14.70
CA ALA A 923 21.46 28.99 -15.45
C ALA A 923 20.30 28.10 -15.02
N MET A 924 20.57 26.91 -14.48
CA MET A 924 19.49 25.99 -14.16
C MET A 924 18.59 26.52 -13.05
N TYR A 925 19.04 27.53 -12.30
CA TYR A 925 18.27 28.03 -11.16
C TYR A 925 17.95 29.51 -11.28
N THR A 926 18.07 30.08 -12.48
CA THR A 926 17.74 31.48 -12.71
C THR A 926 16.48 31.56 -13.57
N PRO A 927 15.41 32.21 -13.10
CA PRO A 927 14.17 32.21 -13.90
C PRO A 927 14.29 32.97 -15.21
N HIS A 928 15.29 33.85 -15.35
CA HIS A 928 15.38 34.69 -16.54
C HIS A 928 15.44 33.87 -17.82
N THR A 929 16.00 32.67 -17.77
CA THR A 929 16.11 31.79 -18.93
C THR A 929 15.49 30.45 -18.56
N VAL A 930 14.27 30.21 -19.03
CA VAL A 930 13.58 28.95 -18.75
C VAL A 930 13.86 27.97 -19.87
N LEU A 931 14.86 28.27 -20.70
CA LEU A 931 15.21 27.40 -21.81
C LEU A 931 15.69 26.05 -21.28
N GLN A 932 15.30 24.98 -21.97
CA GLN A 932 15.71 23.62 -21.60
C GLN A 932 16.97 23.24 -22.36
N ASP B 97 4.58 -8.33 -39.36
CA ASP B 97 5.91 -8.86 -38.93
C ASP B 97 5.92 -9.16 -37.44
N LYS B 98 6.24 -8.14 -36.64
CA LYS B 98 6.25 -8.33 -35.19
C LYS B 98 4.89 -8.78 -34.69
N ARG B 99 3.81 -8.24 -35.27
CA ARG B 99 2.48 -8.70 -34.92
C ARG B 99 2.33 -10.19 -35.21
N ALA B 100 2.83 -10.64 -36.36
CA ALA B 100 2.73 -12.06 -36.69
C ALA B 100 3.46 -12.91 -35.66
N LYS B 101 4.68 -12.51 -35.29
CA LYS B 101 5.46 -13.31 -34.35
C LYS B 101 4.81 -13.36 -32.97
N VAL B 102 4.32 -12.21 -32.49
CA VAL B 102 3.69 -12.20 -31.17
C VAL B 102 2.39 -13.00 -31.20
N THR B 103 1.65 -12.93 -32.31
CA THR B 103 0.45 -13.73 -32.45
C THR B 103 0.78 -15.22 -32.39
N SER B 104 1.84 -15.62 -33.11
CA SER B 104 2.24 -17.02 -33.09
C SER B 104 2.63 -17.45 -31.68
N ALA B 105 3.40 -16.62 -30.98
CA ALA B 105 3.84 -16.98 -29.63
C ALA B 105 2.65 -17.12 -28.69
N MET B 106 1.71 -16.18 -28.75
CA MET B 106 0.54 -16.26 -27.89
C MET B 106 -0.30 -17.49 -28.20
N GLN B 107 -0.51 -17.78 -29.49
CA GLN B 107 -1.25 -18.98 -29.84
C GLN B 107 -0.56 -20.24 -29.32
N THR B 108 0.76 -20.31 -29.49
CA THR B 108 1.50 -21.46 -29.03
C THR B 108 1.37 -21.63 -27.52
N MET B 109 1.50 -20.52 -26.78
CA MET B 109 1.38 -20.60 -25.32
C MET B 109 0.00 -21.08 -24.93
N LEU B 110 -1.05 -20.51 -25.52
CA LEU B 110 -2.40 -20.89 -25.12
C LEU B 110 -2.69 -22.34 -25.46
N PHE B 111 -2.22 -22.82 -26.61
CA PHE B 111 -2.49 -24.20 -26.98
C PHE B 111 -1.68 -25.18 -26.14
N THR B 112 -0.43 -24.85 -25.84
CA THR B 112 0.38 -25.71 -24.99
C THR B 112 -0.20 -25.77 -23.58
N MET B 113 -0.64 -24.64 -23.06
CA MET B 113 -1.24 -24.61 -21.73
C MET B 113 -2.56 -25.35 -21.69
N LEU B 114 -3.14 -25.67 -22.86
CA LEU B 114 -4.37 -26.45 -22.89
C LEU B 114 -4.09 -27.96 -22.86
N ARG B 115 -2.94 -28.37 -23.36
CA ARG B 115 -2.58 -29.79 -23.39
C ARG B 115 -2.22 -30.32 -22.03
N LYS B 116 -2.44 -29.57 -20.95
CA LYS B 116 -2.10 -30.03 -19.62
C LYS B 116 -3.19 -29.73 -18.59
N LEU B 117 -4.39 -29.35 -19.01
CA LEU B 117 -5.49 -29.12 -18.09
C LEU B 117 -6.73 -29.95 -18.39
N ASP B 118 -7.10 -30.09 -19.65
CA ASP B 118 -8.34 -30.76 -19.99
C ASP B 118 -8.35 -32.18 -19.43
N ASN B 119 -9.45 -32.56 -18.80
CA ASN B 119 -9.54 -33.84 -18.12
C ASN B 119 -10.98 -34.04 -17.66
N ASP B 120 -11.23 -35.21 -17.07
CA ASP B 120 -12.54 -35.50 -16.50
C ASP B 120 -12.79 -34.67 -15.24
N ALA B 121 -11.73 -34.36 -14.49
CA ALA B 121 -11.92 -33.60 -13.25
C ALA B 121 -12.46 -32.21 -13.54
N LEU B 122 -11.81 -31.47 -14.44
CA LEU B 122 -12.27 -30.12 -14.75
C LEU B 122 -13.67 -30.15 -15.35
N ASN B 123 -13.93 -31.10 -16.25
CA ASN B 123 -15.25 -31.22 -16.85
C ASN B 123 -16.31 -31.50 -15.79
N ASN B 124 -16.00 -32.35 -14.82
CA ASN B 124 -16.93 -32.63 -13.74
C ASN B 124 -17.20 -31.37 -12.92
N ILE B 125 -16.16 -30.60 -12.63
CA ILE B 125 -16.35 -29.36 -11.88
C ILE B 125 -17.23 -28.39 -12.67
N ILE B 126 -16.99 -28.26 -13.97
CA ILE B 126 -17.72 -27.27 -14.76
C ILE B 126 -19.20 -27.61 -14.84
N ASN B 127 -19.54 -28.90 -14.93
CA ASN B 127 -20.93 -29.29 -15.06
C ASN B 127 -21.67 -29.30 -13.73
N ASN B 128 -20.99 -29.09 -12.62
CA ASN B 128 -21.63 -29.02 -11.31
C ASN B 128 -22.06 -27.62 -10.95
N ALA B 129 -21.80 -26.63 -11.80
CA ALA B 129 -22.15 -25.25 -11.53
C ALA B 129 -23.55 -24.94 -12.06
N ARG B 130 -24.08 -23.79 -11.62
CA ARG B 130 -25.43 -23.40 -12.05
C ARG B 130 -25.49 -23.24 -13.56
N ASP B 131 -24.53 -22.51 -14.14
CA ASP B 131 -24.45 -22.35 -15.58
C ASP B 131 -23.01 -22.51 -16.04
N GLY B 132 -22.30 -23.50 -15.48
CA GLY B 132 -20.92 -23.72 -15.86
C GLY B 132 -20.02 -22.57 -15.53
N CYS B 133 -20.33 -21.82 -14.48
CA CYS B 133 -19.51 -20.69 -14.03
C CYS B 133 -19.03 -20.98 -12.61
N VAL B 134 -17.72 -20.89 -12.41
CA VAL B 134 -17.13 -21.22 -11.11
C VAL B 134 -16.02 -20.23 -10.79
N PRO B 135 -15.71 -20.05 -9.51
CA PRO B 135 -14.54 -19.25 -9.14
C PRO B 135 -13.26 -19.87 -9.69
N LEU B 136 -12.33 -19.01 -10.08
CA LEU B 136 -11.06 -19.49 -10.61
C LEU B 136 -10.17 -20.08 -9.53
N ASN B 137 -10.34 -19.66 -8.28
CA ASN B 137 -9.42 -20.10 -7.24
C ASN B 137 -9.57 -21.58 -6.93
N ILE B 138 -10.77 -22.14 -7.10
CA ILE B 138 -11.02 -23.52 -6.69
C ILE B 138 -10.70 -24.53 -7.78
N ILE B 139 -10.32 -24.09 -8.97
CA ILE B 139 -10.01 -25.03 -10.04
C ILE B 139 -8.77 -25.81 -9.65
N PRO B 140 -7.59 -25.20 -9.54
CA PRO B 140 -6.42 -25.98 -9.14
C PRO B 140 -6.56 -26.62 -7.79
N LEU B 141 -7.36 -26.05 -6.90
CA LEU B 141 -7.52 -26.61 -5.56
C LEU B 141 -8.15 -28.00 -5.62
N THR B 142 -9.17 -28.18 -6.44
CA THR B 142 -9.93 -29.42 -6.50
C THR B 142 -9.60 -30.26 -7.72
N THR B 143 -8.73 -29.79 -8.60
CA THR B 143 -8.39 -30.50 -9.82
C THR B 143 -6.92 -30.84 -9.95
N ALA B 144 -6.04 -30.06 -9.34
CA ALA B 144 -4.61 -30.27 -9.53
C ALA B 144 -4.20 -31.65 -9.05
N ALA B 145 -3.41 -32.35 -9.87
CA ALA B 145 -2.83 -33.63 -9.51
C ALA B 145 -1.42 -33.48 -8.95
N LYS B 146 -0.95 -32.25 -8.76
CA LYS B 146 0.38 -31.98 -8.25
C LYS B 146 0.28 -30.89 -7.19
N LEU B 147 0.98 -31.08 -6.08
CA LEU B 147 0.98 -30.12 -4.99
C LEU B 147 2.41 -29.80 -4.60
N MET B 148 2.71 -28.51 -4.46
CA MET B 148 4.02 -28.04 -4.05
C MET B 148 3.89 -27.34 -2.70
N VAL B 149 4.76 -27.71 -1.76
CA VAL B 149 4.75 -27.16 -0.41
C VAL B 149 6.14 -26.62 -0.13
N VAL B 150 6.24 -25.32 0.09
CA VAL B 150 7.50 -24.66 0.42
C VAL B 150 7.55 -24.50 1.92
N ILE B 151 8.49 -25.21 2.55
CA ILE B 151 8.55 -25.31 4.01
C ILE B 151 9.63 -24.37 4.51
N PRO B 152 9.30 -23.41 5.39
CA PRO B 152 10.33 -22.45 5.83
C PRO B 152 11.28 -22.98 6.89
N ASP B 153 10.79 -23.82 7.79
CA ASP B 153 11.62 -24.31 8.89
C ASP B 153 11.17 -25.73 9.23
N TYR B 154 11.56 -26.22 10.41
CA TYR B 154 11.25 -27.59 10.79
C TYR B 154 9.96 -27.71 11.57
N ASN B 155 9.58 -26.69 12.34
CA ASN B 155 8.30 -26.75 13.04
C ASN B 155 7.15 -26.87 12.04
N THR B 156 7.23 -26.10 10.95
CA THR B 156 6.20 -26.20 9.91
C THR B 156 6.16 -27.60 9.31
N TYR B 157 7.33 -28.19 9.07
CA TYR B 157 7.35 -29.53 8.51
C TYR B 157 6.70 -30.53 9.46
N LYS B 158 7.00 -30.44 10.75
CA LYS B 158 6.29 -31.26 11.72
C LYS B 158 4.79 -31.09 11.58
N ASN B 159 4.47 -29.91 11.62
CA ASN B 159 3.06 -29.57 11.69
C ASN B 159 2.28 -29.73 10.37
N THR B 160 2.89 -30.21 9.27
CA THR B 160 2.22 -30.32 7.97
C THR B 160 2.53 -31.59 7.17
N CYS B 161 3.73 -32.15 7.27
CA CYS B 161 4.27 -33.16 6.37
C CYS B 161 4.98 -34.33 7.11
N ASP B 162 4.65 -34.56 8.38
CA ASP B 162 5.16 -35.71 9.13
C ASP B 162 4.68 -37.04 8.53
N GLY B 163 5.49 -38.09 8.63
CA GLY B 163 5.25 -39.35 7.91
C GLY B 163 5.45 -39.20 6.40
N THR B 164 4.83 -40.10 5.61
CA THR B 164 4.93 -40.13 4.14
C THR B 164 3.68 -39.66 3.40
N THR B 165 2.61 -39.32 4.13
CA THR B 165 1.32 -38.86 3.58
C THR B 165 0.72 -37.80 4.50
N PHE B 166 -0.06 -36.86 3.96
CA PHE B 166 -0.74 -35.82 4.74
C PHE B 166 -2.04 -35.39 4.08
N THR B 167 -2.93 -34.75 4.83
CA THR B 167 -4.22 -34.27 4.31
C THR B 167 -4.21 -32.76 4.13
N TYR B 168 -4.50 -32.30 2.91
CA TYR B 168 -4.65 -30.88 2.58
C TYR B 168 -5.67 -30.70 1.46
N ALA B 169 -6.33 -29.55 1.35
CA ALA B 169 -7.33 -29.25 0.31
C ALA B 169 -8.44 -30.31 0.23
N SER B 170 -8.86 -30.84 1.40
CA SER B 170 -9.82 -31.93 1.55
C SER B 170 -9.45 -33.23 0.83
N ALA B 171 -8.16 -33.48 0.61
CA ALA B 171 -7.65 -34.66 -0.07
C ALA B 171 -6.41 -35.24 0.62
N LEU B 172 -6.18 -36.53 0.42
CA LEU B 172 -4.98 -37.23 0.86
C LEU B 172 -3.86 -37.08 -0.18
N TRP B 173 -2.70 -36.63 0.25
CA TRP B 173 -1.51 -36.40 -0.58
C TRP B 173 -0.36 -37.31 -0.13
N GLU B 174 0.39 -37.87 -1.08
CA GLU B 174 1.55 -38.72 -0.80
C GLU B 174 2.85 -38.03 -1.26
N ILE B 175 3.82 -37.92 -0.35
CA ILE B 175 5.03 -37.12 -0.57
C ILE B 175 6.01 -37.86 -1.48
N GLN B 176 6.62 -37.14 -2.42
CA GLN B 176 7.79 -37.63 -3.16
C GLN B 176 8.75 -36.49 -3.51
N GLN B 177 10.04 -36.77 -3.65
CA GLN B 177 11.07 -35.79 -4.02
C GLN B 177 10.99 -34.47 -3.22
N VAL B 178 11.33 -34.51 -1.93
CA VAL B 178 11.60 -33.28 -1.16
C VAL B 178 12.93 -32.66 -1.62
N VAL B 179 13.01 -31.34 -1.71
CA VAL B 179 14.14 -30.60 -2.27
C VAL B 179 14.45 -29.39 -1.41
N ASP B 180 15.73 -29.01 -1.29
CA ASP B 180 16.13 -27.84 -0.50
C ASP B 180 16.26 -26.55 -1.33
N ALA B 181 16.49 -25.41 -0.68
CA ALA B 181 16.65 -24.12 -1.36
C ALA B 181 17.89 -24.07 -2.27
N ASP B 182 18.88 -24.93 -2.06
CA ASP B 182 20.01 -25.12 -2.97
C ASP B 182 19.66 -26.03 -4.17
N SER B 183 18.42 -26.50 -4.28
CA SER B 183 17.86 -27.40 -5.30
C SER B 183 18.43 -28.84 -5.28
N LYS B 184 19.07 -29.27 -4.18
CA LYS B 184 19.50 -30.66 -4.00
C LYS B 184 18.35 -31.51 -3.44
N ILE B 185 18.35 -32.80 -3.79
CA ILE B 185 17.36 -33.75 -3.29
C ILE B 185 17.57 -33.98 -1.78
N VAL B 186 16.48 -34.15 -1.04
CA VAL B 186 16.48 -34.38 0.41
C VAL B 186 15.74 -35.67 0.72
N GLN B 187 16.27 -36.50 1.60
CA GLN B 187 15.62 -37.77 2.00
C GLN B 187 14.77 -37.56 3.26
N LEU B 188 13.63 -38.25 3.36
CA LEU B 188 12.67 -38.03 4.45
C LEU B 188 13.29 -38.27 5.84
N SER B 189 14.24 -39.20 5.93
CA SER B 189 15.01 -39.52 7.13
C SER B 189 15.94 -38.39 7.60
N GLU B 190 16.28 -37.43 6.73
CA GLU B 190 17.14 -36.28 7.07
C GLU B 190 16.36 -35.16 7.77
N ILE B 191 15.03 -35.13 7.68
CA ILE B 191 14.21 -34.09 8.30
C ILE B 191 13.99 -34.38 9.78
N SER B 192 14.87 -33.86 10.63
CA SER B 192 14.82 -34.04 12.09
C SER B 192 15.28 -32.78 12.81
N MET B 193 14.77 -32.52 14.00
CA MET B 193 15.06 -31.29 14.74
C MET B 193 16.56 -31.10 15.02
N ASP B 194 17.28 -32.19 15.34
CA ASP B 194 18.74 -32.16 15.53
C ASP B 194 19.53 -31.93 14.24
N ASN B 195 19.09 -32.49 13.11
CA ASN B 195 19.72 -32.25 11.81
C ASN B 195 19.30 -30.92 11.18
N SER B 196 18.24 -30.27 11.68
CA SER B 196 17.66 -29.07 11.06
C SER B 196 18.64 -27.91 10.78
N PRO B 197 19.71 -27.65 11.56
CA PRO B 197 20.68 -26.62 11.22
C PRO B 197 21.47 -26.89 9.93
N ASN B 198 21.59 -28.14 9.49
CA ASN B 198 22.41 -28.51 8.32
C ASN B 198 21.68 -28.28 6.99
N LEU B 199 20.36 -28.39 6.98
CA LEU B 199 19.52 -28.31 5.77
C LEU B 199 19.39 -26.87 5.25
N ALA B 200 19.39 -26.69 3.93
CA ALA B 200 19.17 -25.39 3.30
C ALA B 200 17.67 -25.05 3.20
N TRP B 201 17.10 -24.52 4.27
CA TRP B 201 15.72 -24.03 4.28
C TRP B 201 15.54 -22.83 3.31
N PRO B 202 14.34 -22.62 2.76
CA PRO B 202 13.14 -23.44 2.90
C PRO B 202 13.20 -24.73 2.05
N LEU B 203 12.37 -25.71 2.37
CA LEU B 203 12.27 -26.98 1.65
C LEU B 203 11.02 -27.04 0.78
N ILE B 204 11.16 -27.48 -0.46
CA ILE B 204 10.08 -27.75 -1.39
C ILE B 204 9.70 -29.22 -1.23
N VAL B 205 8.53 -29.49 -0.65
CA VAL B 205 7.94 -30.83 -0.55
C VAL B 205 6.90 -30.98 -1.66
N THR B 206 7.13 -31.89 -2.60
CA THR B 206 6.18 -32.18 -3.68
C THR B 206 5.31 -33.39 -3.31
N ALA B 207 4.02 -33.35 -3.66
CA ALA B 207 3.11 -34.45 -3.37
C ALA B 207 2.13 -34.70 -4.53
N LEU B 208 1.73 -35.96 -4.71
CA LEU B 208 0.70 -36.37 -5.66
C LEU B 208 -0.62 -36.60 -4.93
N ARG B 209 -1.73 -36.31 -5.59
CA ARG B 209 -3.07 -36.60 -5.07
C ARG B 209 -3.30 -38.11 -5.06
N ALA B 210 -3.79 -38.66 -3.95
CA ALA B 210 -3.97 -40.10 -3.75
C ALA B 210 -5.35 -40.44 -3.18
N LYS C 5 38.07 5.56 10.56
CA LYS C 5 38.33 4.65 9.40
C LYS C 5 37.05 3.93 9.02
N MET C 6 35.98 4.69 8.87
CA MET C 6 34.67 4.17 8.50
C MET C 6 34.55 3.90 7.01
N SER C 7 34.90 4.86 6.16
CA SER C 7 34.69 4.70 4.73
C SER C 7 35.52 3.57 4.17
N ASP C 8 36.79 3.47 4.58
CA ASP C 8 37.67 2.48 3.98
C ASP C 8 37.17 1.06 4.22
N VAL C 9 36.76 0.76 5.45
CA VAL C 9 36.31 -0.60 5.75
C VAL C 9 35.01 -0.92 5.04
N LYS C 10 34.10 0.06 4.97
CA LYS C 10 32.83 -0.18 4.29
C LYS C 10 33.03 -0.43 2.80
N CYS C 11 33.86 0.38 2.15
CA CYS C 11 34.16 0.13 0.74
C CYS C 11 34.86 -1.22 0.57
N THR C 12 35.73 -1.57 1.51
CA THR C 12 36.41 -2.87 1.42
C THR C 12 35.41 -4.01 1.49
N SER C 13 34.45 -3.92 2.40
CA SER C 13 33.44 -4.98 2.51
C SER C 13 32.59 -5.05 1.26
N VAL C 14 32.22 -3.89 0.70
CA VAL C 14 31.44 -3.87 -0.52
C VAL C 14 32.18 -4.60 -1.63
N VAL C 15 33.46 -4.27 -1.83
CA VAL C 15 34.20 -4.94 -2.89
C VAL C 15 34.44 -6.40 -2.53
N LEU C 16 34.47 -6.73 -1.24
CA LEU C 16 34.65 -8.13 -0.84
C LEU C 16 33.48 -8.98 -1.30
N LEU C 17 32.25 -8.50 -1.09
CA LEU C 17 31.11 -9.21 -1.67
C LEU C 17 31.14 -9.16 -3.18
N SER C 18 31.54 -8.03 -3.76
CA SER C 18 31.67 -8.00 -5.21
C SER C 18 32.51 -9.16 -5.70
N VAL C 19 33.58 -9.48 -4.97
CA VAL C 19 34.42 -10.63 -5.33
C VAL C 19 33.68 -11.94 -5.05
N LEU C 20 33.11 -12.07 -3.85
CA LEU C 20 32.46 -13.31 -3.45
C LEU C 20 31.40 -13.72 -4.46
N GLN C 21 30.48 -12.80 -4.79
CA GLN C 21 29.41 -13.13 -5.70
C GLN C 21 29.95 -13.60 -7.05
N GLN C 22 31.15 -13.15 -7.43
CA GLN C 22 31.75 -13.62 -8.67
C GLN C 22 32.32 -15.02 -8.56
N LEU C 23 32.48 -15.54 -7.35
CA LEU C 23 32.92 -16.91 -7.14
C LEU C 23 31.76 -17.89 -7.10
N ARG C 24 30.59 -17.49 -7.60
CA ARG C 24 29.40 -18.34 -7.66
C ARG C 24 28.91 -18.72 -6.27
N VAL C 25 29.14 -17.88 -5.27
CA VAL C 25 28.69 -18.17 -3.91
C VAL C 25 27.18 -18.09 -3.79
N GLU C 26 26.47 -17.66 -4.84
CA GLU C 26 25.02 -17.65 -4.80
C GLU C 26 24.46 -19.06 -4.57
N SER C 27 25.18 -20.08 -5.02
CA SER C 27 24.68 -21.44 -5.02
C SER C 27 24.48 -22.01 -3.61
N SER C 28 25.05 -21.39 -2.59
CA SER C 28 24.90 -21.85 -1.21
C SER C 28 23.99 -20.88 -0.47
N SER C 29 22.76 -21.32 -0.19
CA SER C 29 21.80 -20.45 0.46
C SER C 29 22.28 -20.00 1.82
N LYS C 30 22.77 -20.93 2.65
CA LYS C 30 23.18 -20.58 4.00
C LYS C 30 24.37 -19.63 3.98
N LEU C 31 25.40 -19.98 3.21
CA LEU C 31 26.61 -19.17 3.19
C LEU C 31 26.33 -17.79 2.61
N TRP C 32 25.54 -17.72 1.53
CA TRP C 32 25.24 -16.43 0.94
C TRP C 32 24.38 -15.57 1.86
N ALA C 33 23.43 -16.19 2.57
CA ALA C 33 22.66 -15.43 3.54
C ALA C 33 23.56 -14.87 4.64
N GLN C 34 24.50 -15.68 5.12
CA GLN C 34 25.43 -15.21 6.15
C GLN C 34 26.28 -14.07 5.63
N CYS C 35 26.79 -14.19 4.42
CA CYS C 35 27.62 -13.14 3.83
C CYS C 35 26.83 -11.84 3.69
N VAL C 36 25.59 -11.94 3.22
CA VAL C 36 24.76 -10.75 3.07
C VAL C 36 24.50 -10.12 4.43
N GLN C 37 24.27 -10.94 5.45
CA GLN C 37 24.05 -10.41 6.78
C GLN C 37 25.27 -9.63 7.25
N LEU C 38 26.46 -10.21 7.07
CA LEU C 38 27.69 -9.53 7.48
C LEU C 38 27.87 -8.22 6.72
N HIS C 39 27.62 -8.24 5.41
CA HIS C 39 27.79 -7.05 4.59
C HIS C 39 26.86 -5.93 5.03
N ASN C 40 25.58 -6.25 5.22
CA ASN C 40 24.63 -5.23 5.65
C ASN C 40 24.97 -4.73 7.03
N ASP C 41 25.45 -5.60 7.92
CA ASP C 41 25.86 -5.16 9.24
C ASP C 41 27.02 -4.17 9.15
N ILE C 42 28.01 -4.49 8.31
CA ILE C 42 29.15 -3.60 8.14
C ILE C 42 28.69 -2.24 7.63
N LEU C 43 27.86 -2.24 6.59
CA LEU C 43 27.42 -0.98 6.01
C LEU C 43 26.62 -0.15 7.02
N LEU C 44 25.77 -0.80 7.80
CA LEU C 44 25.02 -0.11 8.84
C LEU C 44 25.86 0.16 10.08
N ALA C 45 27.08 -0.36 10.15
CA ALA C 45 27.89 -0.20 11.34
C ALA C 45 28.28 1.26 11.53
N LYS C 46 28.34 1.67 12.80
CA LYS C 46 28.79 3.00 13.18
C LYS C 46 30.07 3.00 14.00
N ASP C 47 30.52 1.84 14.47
CA ASP C 47 31.71 1.72 15.29
C ASP C 47 32.77 0.94 14.52
N THR C 48 34.02 1.31 14.74
CA THR C 48 35.11 0.72 13.96
C THR C 48 35.38 -0.73 14.34
N THR C 49 35.32 -1.04 15.64
CA THR C 49 35.64 -2.39 16.09
C THR C 49 34.67 -3.41 15.50
N GLU C 50 33.36 -3.11 15.56
CA GLU C 50 32.36 -3.99 14.98
C GLU C 50 32.65 -4.28 13.52
N ALA C 51 32.92 -3.21 12.76
CA ALA C 51 33.28 -3.37 11.37
C ALA C 51 34.50 -4.27 11.22
N PHE C 52 35.47 -4.15 12.12
CA PHE C 52 36.65 -5.01 12.02
C PHE C 52 36.31 -6.48 12.18
N GLU C 53 35.58 -6.86 13.25
CA GLU C 53 35.38 -8.31 13.37
C GLU C 53 34.50 -8.83 12.25
N LYS C 54 33.50 -8.06 11.84
CA LYS C 54 32.65 -8.52 10.75
C LYS C 54 33.43 -8.62 9.45
N MET C 55 34.34 -7.67 9.21
CA MET C 55 35.17 -7.71 8.01
C MET C 55 36.08 -8.92 8.00
N VAL C 56 36.69 -9.25 9.15
CA VAL C 56 37.59 -10.40 9.17
C VAL C 56 36.79 -11.68 8.99
N SER C 57 35.58 -11.75 9.55
CA SER C 57 34.74 -12.92 9.32
C SER C 57 34.44 -13.09 7.85
N LEU C 58 34.05 -12.00 7.19
CA LEU C 58 33.74 -12.07 5.76
C LEU C 58 34.97 -12.44 4.95
N LEU C 59 36.12 -11.88 5.29
CA LEU C 59 37.35 -12.21 4.58
C LEU C 59 37.75 -13.66 4.78
N SER C 60 37.57 -14.19 5.99
CA SER C 60 37.85 -15.61 6.21
C SER C 60 36.93 -16.48 5.37
N VAL C 61 35.66 -16.10 5.29
CA VAL C 61 34.74 -16.81 4.41
C VAL C 61 35.28 -16.80 2.98
N LEU C 62 35.71 -15.64 2.50
CA LEU C 62 36.20 -15.55 1.13
C LEU C 62 37.45 -16.41 0.93
N LEU C 63 38.39 -16.33 1.88
CA LEU C 63 39.72 -16.90 1.70
C LEU C 63 39.78 -18.38 2.01
N SER C 64 38.76 -18.92 2.69
CA SER C 64 38.71 -20.36 2.90
C SER C 64 38.55 -21.10 1.58
N MET C 65 37.75 -20.56 0.67
CA MET C 65 37.49 -21.23 -0.59
C MET C 65 38.78 -21.32 -1.41
N GLN C 66 39.21 -22.55 -1.66
CA GLN C 66 40.42 -22.79 -2.43
C GLN C 66 40.08 -22.93 -3.91
N GLY C 67 41.06 -22.71 -4.76
CA GLY C 67 40.85 -22.67 -6.19
C GLY C 67 40.35 -21.34 -6.70
N ALA C 68 40.15 -20.37 -5.82
CA ALA C 68 39.74 -19.03 -6.21
C ALA C 68 40.98 -18.24 -6.64
N VAL C 69 40.84 -16.93 -6.77
CA VAL C 69 41.96 -16.07 -7.16
C VAL C 69 43.19 -16.44 -6.35
N ASP C 70 44.32 -16.59 -7.05
CA ASP C 70 45.56 -16.96 -6.39
C ASP C 70 45.97 -15.89 -5.39
N ILE C 71 46.39 -16.33 -4.20
CA ILE C 71 46.87 -15.43 -3.17
C ILE C 71 48.39 -15.50 -3.01
N ASN C 72 49.02 -16.63 -3.32
CA ASN C 72 50.47 -16.73 -3.20
C ASN C 72 51.14 -15.76 -4.16
N LYS C 73 50.55 -15.55 -5.34
CA LYS C 73 51.16 -14.64 -6.31
C LYS C 73 51.24 -13.23 -5.75
N LEU C 74 50.20 -12.78 -5.06
CA LEU C 74 50.16 -11.44 -4.48
C LEU C 74 51.11 -11.32 -3.29
N THR D 103 39.37 -10.41 -16.12
CA THR D 103 38.38 -10.06 -15.08
C THR D 103 38.97 -10.16 -13.68
N SER D 104 40.22 -10.63 -13.59
CA SER D 104 40.88 -10.79 -12.31
C SER D 104 41.26 -9.46 -11.67
N ALA D 105 41.13 -8.34 -12.40
CA ALA D 105 41.53 -7.05 -11.84
C ALA D 105 40.77 -6.73 -10.57
N MET D 106 39.54 -7.20 -10.44
CA MET D 106 38.75 -6.90 -9.25
C MET D 106 39.45 -7.44 -8.00
N GLN D 107 39.98 -8.65 -8.06
CA GLN D 107 40.66 -9.22 -6.89
C GLN D 107 41.95 -8.47 -6.60
N THR D 108 42.67 -8.04 -7.64
CA THR D 108 43.89 -7.27 -7.42
C THR D 108 43.57 -5.96 -6.71
N MET D 109 42.50 -5.28 -7.14
CA MET D 109 42.10 -4.05 -6.47
C MET D 109 41.66 -4.34 -5.04
N LEU D 110 40.93 -5.44 -4.83
CA LEU D 110 40.57 -5.85 -3.48
C LEU D 110 41.81 -5.95 -2.60
N PHE D 111 42.83 -6.66 -3.08
CA PHE D 111 44.00 -6.89 -2.23
C PHE D 111 44.82 -5.62 -2.04
N THR D 112 44.85 -4.74 -3.05
CA THR D 112 45.48 -3.43 -2.85
C THR D 112 44.76 -2.66 -1.75
N MET D 113 43.43 -2.68 -1.76
CA MET D 113 42.69 -2.02 -0.69
C MET D 113 43.00 -2.65 0.67
N LEU D 114 43.06 -3.98 0.73
CA LEU D 114 43.38 -4.64 1.99
C LEU D 114 44.75 -4.24 2.50
N ARG D 115 45.74 -4.18 1.61
CA ARG D 115 47.07 -3.73 2.01
C ARG D 115 47.02 -2.28 2.48
N LYS D 116 46.25 -1.44 1.80
CA LYS D 116 46.14 -0.03 2.18
C LYS D 116 45.55 0.11 3.57
N LEU D 117 44.55 -0.72 3.91
CA LEU D 117 43.99 -0.69 5.25
C LEU D 117 45.07 -1.04 6.29
N ASP D 118 45.88 -2.05 5.99
CA ASP D 118 46.99 -2.46 6.86
C ASP D 118 46.48 -2.74 8.28
N ASN D 119 45.34 -3.43 8.35
CA ASN D 119 44.80 -3.86 9.63
C ASN D 119 45.51 -5.13 10.11
N ASP D 120 45.68 -5.24 11.42
CA ASP D 120 46.50 -6.33 11.96
C ASP D 120 45.89 -7.69 11.65
N ALA D 121 44.61 -7.87 11.94
CA ALA D 121 43.98 -9.18 11.76
C ALA D 121 43.90 -9.55 10.28
N LEU D 122 43.50 -8.62 9.44
CA LEU D 122 43.33 -8.93 8.02
C LEU D 122 44.68 -9.29 7.38
N ASN D 123 45.72 -8.50 7.68
CA ASN D 123 47.05 -8.83 7.16
C ASN D 123 47.56 -10.14 7.75
N ASN D 124 47.25 -10.40 9.03
CA ASN D 124 47.63 -11.67 9.63
C ASN D 124 47.06 -12.84 8.84
N ILE D 125 45.76 -12.80 8.56
CA ILE D 125 45.11 -13.90 7.85
C ILE D 125 45.62 -13.99 6.42
N ILE D 126 45.85 -12.83 5.78
CA ILE D 126 46.35 -12.83 4.40
C ILE D 126 47.73 -13.47 4.36
N ASN D 127 48.60 -13.11 5.30
CA ASN D 127 49.92 -13.73 5.36
C ASN D 127 49.83 -15.23 5.64
N ASN D 128 48.94 -15.62 6.55
CA ASN D 128 48.75 -17.04 6.83
C ASN D 128 48.40 -17.79 5.55
N ALA D 129 47.45 -17.27 4.78
CA ALA D 129 47.07 -17.89 3.51
C ALA D 129 48.09 -17.66 2.41
N ARG D 130 49.11 -16.84 2.64
CA ARG D 130 50.07 -16.53 1.59
C ARG D 130 50.71 -17.80 1.03
N ASP D 131 51.13 -18.71 1.90
CA ASP D 131 51.79 -19.95 1.48
C ASP D 131 50.81 -21.10 1.28
N GLY D 132 49.51 -20.85 1.46
CA GLY D 132 48.50 -21.87 1.24
C GLY D 132 47.77 -22.33 2.48
N CYS D 133 48.10 -21.80 3.66
CA CYS D 133 47.40 -22.14 4.89
C CYS D 133 46.11 -21.32 4.97
N VAL D 134 45.03 -21.93 4.52
CA VAL D 134 43.72 -21.26 4.47
C VAL D 134 42.71 -22.05 5.30
N PRO D 135 41.69 -21.39 5.86
CA PRO D 135 40.67 -22.12 6.62
C PRO D 135 39.62 -22.73 5.71
N LEU D 136 38.57 -23.31 6.29
CA LEU D 136 37.50 -23.94 5.52
C LEU D 136 36.12 -23.38 5.83
N ASN D 137 35.89 -22.91 7.05
CA ASN D 137 34.59 -22.42 7.47
C ASN D 137 34.67 -20.95 7.91
N ILE D 138 33.50 -20.34 8.08
CA ILE D 138 33.44 -18.96 8.53
C ILE D 138 33.98 -18.85 9.95
N ILE D 139 34.63 -17.72 10.24
CA ILE D 139 35.14 -17.47 11.58
C ILE D 139 33.98 -17.09 12.49
N PRO D 140 33.76 -17.79 13.61
CA PRO D 140 32.65 -17.42 14.49
C PRO D 140 32.92 -16.11 15.22
N LEU D 141 31.84 -15.42 15.55
CA LEU D 141 31.93 -14.18 16.30
C LEU D 141 31.60 -14.44 17.76
N MET D 148 38.43 -24.00 13.40
CA MET D 148 39.18 -25.07 12.76
C MET D 148 40.08 -24.51 11.66
N VAL D 149 41.26 -25.11 11.50
CA VAL D 149 42.21 -24.72 10.47
C VAL D 149 43.01 -25.94 10.05
N VAL D 150 43.73 -25.79 8.94
CA VAL D 150 44.56 -26.84 8.37
C VAL D 150 46.01 -26.46 8.57
N ILE D 151 46.79 -27.39 9.11
CA ILE D 151 48.20 -27.13 9.40
C ILE D 151 48.32 -26.14 10.56
#